data_3QHO
#
_entry.id   3QHO
#
_cell.length_a   161.164
_cell.length_b   58.528
_cell.length_c   138.317
_cell.angle_alpha   90.00
_cell.angle_beta   109.24
_cell.angle_gamma   90.00
#
_symmetry.space_group_name_H-M   'C 1 2 1'
#
loop_
_entity.id
_entity.type
_entity.pdbx_description
1 polymer '458aa long hypothetical endo-1,4-beta-glucanase'
2 branched beta-D-glucopyranose-(1-4)-beta-D-glucopyranose-(1-4)-beta-D-glucopyranose-(1-4)-beta-D-glucopyranose
3 non-polymer 'PHOSPHATE ION'
4 water water
#
_entity_poly.entity_id   1
_entity_poly.type   'polypeptide(L)'
_entity_poly.pdbx_seq_one_letter_code
;MEGNTILKIVLICTILAGLFGQVVPVYAENTTYQTPTGIYYEVRGDTIYMINVTSGEETPIHLFGVNWFGFETPNHVVHG
LWKRNWEDMLLQIKSLGFNAIRLPFCTESVKPGTQPIGIDYSKNPDLRGLDSLQIMEKIIKKAGDLGIFVLLDYHRIGCT
HIEPLWYTEDFSEEDFINTWIEVAKRFGKYWNVIGADLKNEPHSVTSPPAAYTDGTGATWGMGNPATDWNLAAERIGKAI
LKVAPHWLIFVEGTQFTNPKTDSSYKWGYNAWWGGNLMAVKDYPVNLPRNKLVYSPHVFGPDVYNQPYFGPAKGFPDNLP
DIWYHHFGYVKLELGYSVVIGEFGGKYGHGGDPRDVIWQNKLVDWMIENKFCDFFYWSWNPDSGDTGGILQDDWTTIWED
KYNNLKRLMDSCSKSSSSTQSVIRSTTPTKSNTSKKICGPAILIILAVFSLLLRRAPR
;
_entity_poly.pdbx_strand_id   A,B,C
#
# COMPACT_ATOMS: atom_id res chain seq x y z
N GLN A 34 13.20 -24.88 -41.30
CA GLN A 34 14.39 -24.71 -40.40
C GLN A 34 14.04 -23.62 -39.34
N THR A 35 13.95 -22.33 -39.67
CA THR A 35 13.62 -21.28 -38.66
C THR A 35 13.02 -19.99 -39.27
N PRO A 36 11.94 -19.43 -38.67
CA PRO A 36 11.48 -18.07 -39.07
C PRO A 36 12.32 -16.89 -38.56
N THR A 37 13.26 -17.09 -37.61
CA THR A 37 13.97 -15.90 -37.10
C THR A 37 15.39 -15.84 -37.64
N GLY A 38 15.84 -16.95 -38.22
CA GLY A 38 17.24 -17.10 -38.63
C GLY A 38 18.10 -17.75 -37.53
N ILE A 39 17.48 -18.00 -36.39
CA ILE A 39 18.12 -18.70 -35.27
C ILE A 39 17.52 -20.04 -34.99
N TYR A 40 18.38 -21.03 -34.70
CA TYR A 40 17.87 -22.36 -34.54
C TYR A 40 18.53 -22.95 -33.29
N TYR A 41 17.76 -23.46 -32.37
CA TYR A 41 18.31 -24.13 -31.14
C TYR A 41 18.36 -25.64 -31.23
N GLU A 42 19.44 -26.24 -30.73
CA GLU A 42 19.49 -27.70 -30.70
C GLU A 42 20.28 -28.16 -29.48
N VAL A 43 20.02 -29.38 -29.09
CA VAL A 43 20.80 -30.11 -28.05
C VAL A 43 21.75 -31.07 -28.78
N ARG A 44 23.04 -30.97 -28.46
CA ARG A 44 24.02 -31.99 -28.87
C ARG A 44 24.61 -32.50 -27.61
N GLY A 45 24.66 -33.81 -27.44
CA GLY A 45 25.11 -34.39 -26.15
C GLY A 45 24.19 -33.91 -25.06
N ASP A 46 24.76 -33.30 -24.00
CA ASP A 46 23.95 -32.76 -22.92
C ASP A 46 24.04 -31.18 -22.96
N THR A 47 24.36 -30.63 -24.11
CA THR A 47 24.64 -29.19 -24.20
C THR A 47 23.70 -28.50 -25.18
N ILE A 48 23.18 -27.34 -24.80
CA ILE A 48 22.32 -26.59 -25.74
C ILE A 48 23.19 -25.71 -26.63
N TYR A 49 22.95 -25.74 -27.93
CA TYR A 49 23.61 -24.88 -28.91
C TYR A 49 22.63 -23.93 -29.60
N MET A 50 23.14 -22.79 -29.98
CA MET A 50 22.41 -21.79 -30.77
C MET A 50 23.13 -21.71 -32.09
N ILE A 51 22.33 -21.86 -33.16
CA ILE A 51 22.77 -21.69 -34.56
C ILE A 51 22.19 -20.45 -35.25
N ASN A 52 23.04 -19.65 -35.83
CA ASN A 52 22.66 -18.55 -36.64
C ASN A 52 22.81 -18.99 -38.12
N VAL A 53 21.69 -19.22 -38.81
CA VAL A 53 21.78 -19.64 -40.22
C VAL A 53 22.28 -18.60 -41.17
N THR A 54 22.20 -17.33 -40.82
CA THR A 54 22.75 -16.31 -41.72
C THR A 54 24.28 -16.16 -41.64
N SER A 55 24.82 -16.05 -40.43
CA SER A 55 26.27 -15.90 -40.36
C SER A 55 26.91 -17.28 -40.37
N GLY A 56 26.12 -18.32 -40.10
CA GLY A 56 26.56 -19.75 -40.00
C GLY A 56 27.12 -20.04 -38.60
N GLU A 57 27.14 -19.04 -37.74
CA GLU A 57 27.71 -19.29 -36.37
C GLU A 57 26.93 -20.29 -35.54
N GLU A 58 27.64 -21.22 -34.90
CA GLU A 58 27.03 -22.14 -33.97
C GLU A 58 27.92 -22.20 -32.73
N THR A 59 27.33 -21.87 -31.57
CA THR A 59 28.05 -21.89 -30.27
C THR A 59 27.19 -22.55 -29.16
N PRO A 60 27.86 -23.14 -28.14
CA PRO A 60 27.10 -23.68 -27.02
C PRO A 60 26.55 -22.49 -26.28
N ILE A 61 25.37 -22.61 -25.66
CA ILE A 61 24.95 -21.53 -24.79
C ILE A 61 24.79 -22.08 -23.37
N HIS A 62 24.85 -21.18 -22.40
CA HIS A 62 24.51 -21.49 -21.01
C HIS A 62 23.28 -20.64 -20.67
N LEU A 63 22.47 -21.18 -19.80
CA LEU A 63 21.25 -20.49 -19.39
C LEU A 63 21.53 -20.12 -17.91
N PHE A 64 21.90 -18.89 -17.68
CA PHE A 64 22.02 -18.45 -16.27
C PHE A 64 20.73 -17.65 -16.01
N GLY A 65 19.73 -18.34 -15.46
CA GLY A 65 18.38 -17.79 -15.56
C GLY A 65 17.68 -17.44 -14.28
N VAL A 66 16.63 -16.62 -14.46
CA VAL A 66 15.74 -16.33 -13.35
C VAL A 66 14.33 -16.48 -13.79
N ASN A 67 13.48 -16.78 -12.82
CA ASN A 67 12.00 -16.74 -13.08
C ASN A 67 11.43 -15.36 -12.74
N TRP A 68 10.82 -14.68 -13.69
CA TRP A 68 10.09 -13.41 -13.44
C TRP A 68 8.66 -13.69 -13.62
N PHE A 69 7.95 -13.84 -12.50
CA PHE A 69 6.58 -14.29 -12.59
C PHE A 69 5.50 -13.19 -12.42
N GLY A 70 4.33 -13.53 -12.84
CA GLY A 70 3.20 -12.64 -12.66
C GLY A 70 2.23 -12.75 -13.76
N PHE A 71 2.69 -13.08 -14.97
CA PHE A 71 1.71 -13.29 -16.03
C PHE A 71 0.78 -14.51 -15.72
N GLU A 72 1.12 -15.35 -14.75
CA GLU A 72 0.29 -16.49 -14.40
C GLU A 72 -0.67 -16.16 -13.24
N THR A 73 -0.62 -14.93 -12.68
CA THR A 73 -1.41 -14.64 -11.49
C THR A 73 -2.55 -13.65 -11.89
N PRO A 74 -3.36 -13.22 -10.88
CA PRO A 74 -4.45 -12.24 -11.21
C PRO A 74 -4.00 -10.89 -11.71
N ASN A 75 -2.73 -10.54 -11.49
CA ASN A 75 -2.14 -9.38 -12.11
C ASN A 75 -2.15 -9.40 -13.62
N HIS A 76 -2.05 -10.62 -14.23
CA HIS A 76 -1.83 -10.76 -15.67
C HIS A 76 -0.66 -9.97 -16.23
N VAL A 77 0.37 -9.80 -15.40
CA VAL A 77 1.56 -9.16 -15.86
C VAL A 77 2.64 -9.56 -14.92
N VAL A 78 3.89 -9.55 -15.42
CA VAL A 78 5.03 -9.63 -14.44
C VAL A 78 4.86 -8.70 -13.29
N HIS A 79 5.14 -9.21 -12.08
CA HIS A 79 5.04 -8.31 -10.88
C HIS A 79 6.13 -7.34 -10.81
N GLY A 80 5.83 -6.26 -10.01
CA GLY A 80 6.84 -5.29 -9.58
C GLY A 80 6.75 -3.98 -10.43
N LEU A 81 5.94 -3.98 -11.46
CA LEU A 81 5.75 -2.76 -12.30
C LEU A 81 4.92 -1.70 -11.63
N TRP A 82 4.41 -1.96 -10.42
CA TRP A 82 3.93 -0.86 -9.54
C TRP A 82 5.08 -0.08 -8.94
N LYS A 83 6.28 -0.66 -8.87
CA LYS A 83 7.46 -0.10 -8.17
C LYS A 83 8.61 0.20 -9.18
N ARG A 84 8.65 -0.50 -10.33
CA ARG A 84 9.77 -0.42 -11.24
C ARG A 84 9.32 -0.28 -12.71
N ASN A 85 10.22 0.34 -13.49
CA ASN A 85 10.05 0.37 -14.92
C ASN A 85 10.51 -1.03 -15.51
N TRP A 86 9.73 -1.54 -16.42
CA TRP A 86 9.98 -2.87 -16.94
C TRP A 86 11.34 -3.06 -17.67
N GLU A 87 11.79 -2.02 -18.39
CA GLU A 87 13.09 -2.12 -19.08
C GLU A 87 14.16 -2.08 -18.09
N ASP A 88 14.02 -1.21 -17.10
CA ASP A 88 14.98 -1.19 -16.06
C ASP A 88 15.12 -2.54 -15.32
N MET A 89 14.00 -3.22 -15.06
CA MET A 89 14.07 -4.63 -14.49
C MET A 89 14.93 -5.57 -15.39
N LEU A 90 14.63 -5.57 -16.70
CA LEU A 90 15.50 -6.30 -17.61
C LEU A 90 17.00 -5.99 -17.56
N LEU A 91 17.29 -4.70 -17.58
CA LEU A 91 18.68 -4.22 -17.54
C LEU A 91 19.39 -4.66 -16.25
N GLN A 92 18.62 -4.65 -15.16
CA GLN A 92 19.21 -5.03 -13.82
C GLN A 92 19.52 -6.57 -13.81
N ILE A 93 18.58 -7.33 -14.33
CA ILE A 93 18.79 -8.83 -14.46
C ILE A 93 20.04 -9.07 -15.27
N LYS A 94 20.19 -8.36 -16.45
CA LYS A 94 21.35 -8.57 -17.27
C LYS A 94 22.65 -8.17 -16.52
N SER A 95 22.54 -7.07 -15.76
CA SER A 95 23.72 -6.54 -15.10
C SER A 95 24.25 -7.45 -14.01
N LEU A 96 23.38 -8.29 -13.44
CA LEU A 96 23.81 -9.33 -12.48
C LEU A 96 24.36 -10.67 -13.13
N GLY A 97 24.45 -10.70 -14.42
CA GLY A 97 25.07 -11.81 -15.10
C GLY A 97 24.09 -12.85 -15.65
N PHE A 98 22.80 -12.62 -15.46
CA PHE A 98 21.81 -13.59 -15.90
C PHE A 98 21.66 -13.33 -17.37
N ASN A 99 21.40 -14.38 -18.13
CA ASN A 99 21.15 -14.16 -19.54
C ASN A 99 19.89 -14.90 -19.95
N ALA A 100 19.01 -15.21 -19.02
CA ALA A 100 17.83 -16.04 -19.45
C ALA A 100 16.75 -15.77 -18.45
N ILE A 101 15.53 -15.64 -18.90
CA ILE A 101 14.37 -15.49 -18.04
C ILE A 101 13.37 -16.61 -18.39
N ARG A 102 12.86 -17.27 -17.35
CA ARG A 102 11.73 -18.15 -17.56
C ARG A 102 10.50 -17.34 -17.17
N LEU A 103 9.53 -17.30 -18.08
CA LEU A 103 8.39 -16.39 -17.91
C LEU A 103 7.14 -17.26 -17.76
N PRO A 104 6.65 -17.48 -16.56
CA PRO A 104 5.39 -18.24 -16.26
C PRO A 104 4.22 -17.51 -16.86
N PHE A 105 3.32 -18.24 -17.50
CA PHE A 105 2.09 -17.53 -17.96
C PHE A 105 0.92 -18.39 -17.62
N CYS A 106 -0.28 -17.78 -17.64
CA CYS A 106 -1.49 -18.60 -17.53
C CYS A 106 -2.29 -18.38 -18.84
N THR A 107 -3.34 -19.19 -19.01
CA THR A 107 -4.03 -19.15 -20.27
C THR A 107 -4.62 -17.78 -20.64
N GLU A 108 -5.19 -17.04 -19.66
CA GLU A 108 -5.85 -15.73 -19.85
C GLU A 108 -4.86 -14.65 -20.27
N SER A 109 -3.64 -14.75 -19.72
CA SER A 109 -2.63 -13.76 -20.11
C SER A 109 -2.16 -13.87 -21.56
N VAL A 110 -2.26 -15.04 -22.22
CA VAL A 110 -1.79 -15.11 -23.62
C VAL A 110 -2.98 -14.98 -24.62
N LYS A 111 -4.15 -14.58 -24.12
CA LYS A 111 -5.33 -14.26 -24.97
C LYS A 111 -5.43 -12.73 -25.18
N PRO A 112 -5.71 -12.30 -26.41
CA PRO A 112 -5.94 -10.88 -26.71
C PRO A 112 -6.97 -10.29 -25.74
N GLY A 113 -6.70 -9.08 -25.24
CA GLY A 113 -7.68 -8.36 -24.48
C GLY A 113 -7.71 -8.46 -22.98
N THR A 114 -6.78 -9.23 -22.39
CA THR A 114 -6.71 -9.36 -20.95
C THR A 114 -6.05 -8.15 -20.38
N GLN A 115 -6.72 -7.47 -19.47
CA GLN A 115 -6.25 -6.22 -18.90
C GLN A 115 -5.31 -6.48 -17.67
N PRO A 116 -4.10 -5.97 -17.71
CA PRO A 116 -3.23 -6.17 -16.53
C PRO A 116 -3.61 -5.23 -15.37
N ILE A 117 -3.38 -5.67 -14.14
CA ILE A 117 -3.53 -4.85 -12.95
C ILE A 117 -2.15 -4.78 -12.30
N GLY A 118 -1.79 -3.61 -11.84
CA GLY A 118 -0.59 -3.43 -11.06
C GLY A 118 0.58 -2.87 -11.79
N ILE A 119 0.33 -1.79 -12.59
CA ILE A 119 1.40 -1.17 -13.31
C ILE A 119 1.32 0.31 -12.96
N ASP A 120 2.41 0.88 -12.53
CA ASP A 120 2.46 2.27 -12.35
C ASP A 120 2.79 2.85 -13.72
N TYR A 121 1.74 3.36 -14.39
CA TYR A 121 1.91 3.94 -15.75
C TYR A 121 2.71 5.22 -15.81
N SER A 122 2.78 5.91 -14.70
CA SER A 122 3.77 6.91 -14.58
C SER A 122 5.24 6.44 -14.68
N LYS A 123 5.55 5.23 -14.14
CA LYS A 123 6.85 4.61 -14.36
C LYS A 123 6.94 3.82 -15.68
N ASN A 124 5.80 3.39 -16.23
CA ASN A 124 5.74 2.57 -17.45
C ASN A 124 4.81 3.16 -18.49
N PRO A 125 5.14 4.37 -18.98
CA PRO A 125 4.16 5.05 -19.87
C PRO A 125 3.91 4.29 -21.15
N ASP A 126 4.96 3.65 -21.67
CA ASP A 126 4.82 2.89 -22.89
C ASP A 126 3.94 1.67 -22.75
N LEU A 127 3.49 1.32 -21.53
CA LEU A 127 2.60 0.21 -21.39
C LEU A 127 1.12 0.61 -21.34
N ARG A 128 0.84 1.92 -21.35
CA ARG A 128 -0.54 2.39 -21.31
C ARG A 128 -1.36 1.89 -22.45
N GLY A 129 -2.50 1.34 -22.04
CA GLY A 129 -3.49 0.81 -22.94
C GLY A 129 -3.10 -0.48 -23.60
N LEU A 130 -1.98 -1.10 -23.20
CA LEU A 130 -1.62 -2.42 -23.77
C LEU A 130 -2.30 -3.54 -22.94
N ASP A 131 -2.69 -4.60 -23.63
CA ASP A 131 -3.20 -5.81 -23.00
C ASP A 131 -1.99 -6.70 -22.55
N SER A 132 -2.27 -7.71 -21.75
CA SER A 132 -1.15 -8.52 -21.17
C SER A 132 -0.29 -9.15 -22.30
N LEU A 133 -0.90 -9.57 -23.39
CA LEU A 133 -0.13 -10.12 -24.50
C LEU A 133 0.81 -9.15 -25.18
N GLN A 134 0.39 -7.89 -25.40
CA GLN A 134 1.23 -6.90 -25.99
C GLN A 134 2.35 -6.54 -25.03
N ILE A 135 2.08 -6.61 -23.73
CA ILE A 135 3.14 -6.39 -22.77
C ILE A 135 4.17 -7.55 -22.85
N MET A 136 3.68 -8.79 -22.86
CA MET A 136 4.62 -9.96 -23.02
C MET A 136 5.48 -9.86 -24.28
N GLU A 137 4.85 -9.44 -25.37
CA GLU A 137 5.59 -9.14 -26.62
C GLU A 137 6.66 -8.09 -26.50
N LYS A 138 6.31 -6.96 -25.86
CA LYS A 138 7.25 -5.93 -25.68
C LYS A 138 8.43 -6.36 -24.81
N ILE A 139 8.13 -7.12 -23.74
CA ILE A 139 9.16 -7.55 -22.78
C ILE A 139 10.12 -8.52 -23.46
N ILE A 140 9.56 -9.48 -24.20
CA ILE A 140 10.43 -10.43 -24.88
C ILE A 140 11.30 -9.82 -25.99
N LYS A 141 10.72 -8.90 -26.79
CA LYS A 141 11.50 -8.17 -27.73
C LYS A 141 12.68 -7.44 -27.15
N LYS A 142 12.46 -6.65 -26.08
CA LYS A 142 13.55 -6.03 -25.38
C LYS A 142 14.58 -6.94 -24.74
N ALA A 143 14.08 -8.05 -24.17
CA ALA A 143 14.97 -9.02 -23.70
C ALA A 143 15.92 -9.42 -24.80
N GLY A 144 15.34 -9.73 -25.98
CA GLY A 144 16.16 -10.06 -27.14
C GLY A 144 17.26 -9.07 -27.49
N ASP A 145 16.88 -7.78 -27.46
CA ASP A 145 17.81 -6.69 -27.74
C ASP A 145 18.92 -6.71 -26.76
N LEU A 146 18.60 -7.12 -25.52
CA LEU A 146 19.59 -7.39 -24.51
C LEU A 146 20.33 -8.73 -24.51
N GLY A 147 20.02 -9.62 -25.44
CA GLY A 147 20.72 -10.85 -25.44
C GLY A 147 20.28 -11.79 -24.29
N ILE A 148 19.04 -11.58 -23.83
CA ILE A 148 18.40 -12.48 -22.84
C ILE A 148 17.49 -13.51 -23.55
N PHE A 149 17.82 -14.77 -23.32
CA PHE A 149 16.91 -15.88 -23.76
C PHE A 149 15.67 -15.92 -22.91
N VAL A 150 14.55 -16.30 -23.54
CA VAL A 150 13.32 -16.41 -22.79
C VAL A 150 12.84 -17.82 -22.95
N LEU A 151 12.41 -18.42 -21.87
CA LEU A 151 11.80 -19.78 -21.89
C LEU A 151 10.34 -19.58 -21.47
N LEU A 152 9.40 -19.84 -22.32
CA LEU A 152 7.99 -19.68 -21.97
C LEU A 152 7.48 -20.86 -21.16
N ASP A 153 6.81 -20.61 -20.06
CA ASP A 153 6.44 -21.65 -19.12
C ASP A 153 4.94 -21.58 -18.95
N TYR A 154 4.25 -22.65 -19.38
CA TYR A 154 2.79 -22.64 -19.13
C TYR A 154 2.51 -23.10 -17.70
N HIS A 155 2.36 -22.12 -16.83
CA HIS A 155 2.53 -22.36 -15.47
C HIS A 155 1.23 -22.79 -14.76
N ARG A 156 0.13 -22.24 -15.27
CA ARG A 156 -1.16 -22.50 -14.64
C ARG A 156 -2.15 -22.38 -15.79
N ILE A 157 -3.20 -23.22 -15.72
CA ILE A 157 -4.28 -23.12 -16.65
C ILE A 157 -5.21 -21.99 -16.26
N GLY A 158 -5.64 -21.96 -15.01
CA GLY A 158 -6.37 -20.82 -14.43
C GLY A 158 -5.33 -19.82 -13.98
N CYS A 159 -5.73 -18.81 -13.19
CA CYS A 159 -4.72 -17.83 -12.73
C CYS A 159 -4.52 -17.88 -11.27
N THR A 160 -4.90 -18.99 -10.62
CA THR A 160 -4.77 -19.05 -9.16
C THR A 160 -3.85 -20.10 -8.57
N HIS A 161 -3.61 -21.22 -9.21
CA HIS A 161 -2.77 -22.27 -8.57
C HIS A 161 -2.36 -23.21 -9.65
N ILE A 162 -1.38 -24.07 -9.35
CA ILE A 162 -0.87 -25.01 -10.32
C ILE A 162 -1.68 -26.29 -10.24
N GLU A 163 -2.24 -26.66 -11.37
CA GLU A 163 -3.05 -27.87 -11.44
C GLU A 163 -2.15 -29.12 -11.51
N PRO A 164 -2.63 -30.23 -10.96
CA PRO A 164 -1.74 -31.43 -11.08
C PRO A 164 -1.58 -31.96 -12.54
N LEU A 165 -2.62 -31.81 -13.38
CA LEU A 165 -2.58 -32.23 -14.76
C LEU A 165 -2.56 -31.09 -15.79
N TRP A 166 -2.28 -31.42 -17.05
CA TRP A 166 -2.29 -30.47 -18.18
C TRP A 166 -3.71 -30.26 -18.77
N TYR A 167 -4.70 -30.56 -17.94
CA TYR A 167 -6.12 -30.30 -18.24
C TYR A 167 -6.95 -30.28 -16.97
N THR A 168 -8.16 -29.69 -17.01
CA THR A 168 -9.04 -29.72 -15.83
C THR A 168 -10.47 -30.12 -16.28
N GLU A 169 -11.40 -30.14 -15.31
CA GLU A 169 -12.84 -30.33 -15.61
C GLU A 169 -13.30 -29.50 -16.83
N ASP A 170 -13.05 -28.18 -16.88
CA ASP A 170 -13.54 -27.44 -18.05
C ASP A 170 -12.46 -26.91 -19.03
N PHE A 171 -11.29 -27.51 -19.01
CA PHE A 171 -10.23 -27.10 -19.94
C PHE A 171 -9.47 -28.34 -20.41
N SER A 172 -9.63 -28.69 -21.69
CA SER A 172 -9.15 -29.97 -22.14
C SER A 172 -7.68 -29.98 -22.58
N GLU A 173 -7.09 -31.15 -22.71
CA GLU A 173 -5.72 -31.26 -23.30
C GLU A 173 -5.71 -30.63 -24.73
N GLU A 174 -6.80 -30.80 -25.48
CA GLU A 174 -6.87 -30.13 -26.76
C GLU A 174 -6.79 -28.58 -26.70
N ASP A 175 -7.47 -27.97 -25.72
CA ASP A 175 -7.40 -26.51 -25.41
C ASP A 175 -5.97 -26.14 -24.96
N PHE A 176 -5.36 -27.05 -24.19
CA PHE A 176 -3.94 -26.84 -23.70
C PHE A 176 -3.00 -26.76 -24.87
N ILE A 177 -3.07 -27.77 -25.74
CA ILE A 177 -2.27 -27.84 -26.94
C ILE A 177 -2.53 -26.71 -27.89
N ASN A 178 -3.80 -26.34 -28.08
CA ASN A 178 -4.11 -25.19 -28.95
C ASN A 178 -3.59 -23.88 -28.43
N THR A 179 -3.62 -23.75 -27.12
CA THR A 179 -3.02 -22.54 -26.43
C THR A 179 -1.52 -22.54 -26.76
N TRP A 180 -0.83 -23.67 -26.57
CA TRP A 180 0.63 -23.75 -26.96
C TRP A 180 0.87 -23.48 -28.42
N ILE A 181 0.02 -24.02 -29.30
CA ILE A 181 0.19 -23.67 -30.72
C ILE A 181 0.05 -22.16 -31.01
N GLU A 182 -0.94 -21.49 -30.43
CA GLU A 182 -1.08 -20.05 -30.68
C GLU A 182 0.13 -19.28 -30.10
N VAL A 183 0.59 -19.74 -28.94
CA VAL A 183 1.78 -19.10 -28.28
C VAL A 183 3.02 -19.30 -29.22
N ALA A 184 3.25 -20.50 -29.71
CA ALA A 184 4.41 -20.83 -30.58
C ALA A 184 4.29 -20.08 -31.91
N LYS A 185 3.05 -19.99 -32.44
CA LYS A 185 2.90 -19.24 -33.66
C LYS A 185 3.33 -17.81 -33.50
N ARG A 186 3.02 -17.18 -32.35
CA ARG A 186 3.19 -15.77 -32.18
C ARG A 186 4.63 -15.58 -31.71
N PHE A 187 5.00 -16.34 -30.68
CA PHE A 187 6.33 -16.08 -30.07
C PHE A 187 7.50 -16.75 -30.77
N GLY A 188 7.19 -17.71 -31.62
CA GLY A 188 8.24 -18.27 -32.47
C GLY A 188 9.02 -17.28 -33.35
N LYS A 189 8.44 -16.08 -33.55
CA LYS A 189 9.03 -15.00 -34.35
C LYS A 189 10.05 -14.18 -33.67
N TYR A 190 10.24 -14.45 -32.36
CA TYR A 190 11.17 -13.64 -31.53
C TYR A 190 12.40 -14.55 -31.38
N TRP A 191 13.50 -14.08 -31.91
CA TRP A 191 14.75 -14.90 -32.06
C TRP A 191 15.20 -15.54 -30.70
N ASN A 192 15.05 -14.74 -29.63
CA ASN A 192 15.57 -15.17 -28.34
C ASN A 192 14.64 -16.08 -27.51
N VAL A 193 13.48 -16.48 -28.03
CA VAL A 193 12.62 -17.38 -27.31
C VAL A 193 13.14 -18.80 -27.60
N ILE A 194 13.61 -19.48 -26.56
CA ILE A 194 14.34 -20.71 -26.83
C ILE A 194 13.46 -21.90 -26.95
N GLY A 195 12.25 -21.74 -26.46
CA GLY A 195 11.39 -22.87 -26.36
C GLY A 195 10.32 -22.83 -25.35
N ALA A 196 9.81 -24.02 -25.11
CA ALA A 196 8.59 -24.21 -24.38
C ALA A 196 8.77 -25.19 -23.22
N ASP A 197 8.49 -24.71 -22.04
CA ASP A 197 8.42 -25.53 -20.86
C ASP A 197 6.96 -25.94 -20.73
N LEU A 198 6.68 -27.19 -21.12
CA LEU A 198 5.31 -27.60 -21.53
C LEU A 198 4.23 -27.44 -20.46
N LYS A 199 4.53 -27.74 -19.18
CA LYS A 199 3.61 -27.56 -18.11
C LYS A 199 4.32 -27.51 -16.78
N ASN A 200 4.07 -26.51 -15.97
CA ASN A 200 4.82 -26.38 -14.75
C ASN A 200 4.33 -27.38 -13.73
N GLU A 201 5.27 -28.16 -13.17
CA GLU A 201 5.03 -28.97 -11.98
C GLU A 201 3.80 -29.92 -12.06
N PRO A 202 3.81 -30.79 -13.08
CA PRO A 202 2.92 -31.97 -12.99
C PRO A 202 3.07 -32.58 -11.60
N HIS A 203 1.97 -32.97 -10.98
CA HIS A 203 2.05 -33.47 -9.59
C HIS A 203 0.79 -34.26 -9.21
N SER A 204 0.74 -34.63 -7.94
CA SER A 204 -0.38 -35.39 -7.39
C SER A 204 -1.13 -34.65 -6.32
N VAL A 205 -2.42 -35.04 -6.15
CA VAL A 205 -3.30 -34.48 -5.12
C VAL A 205 -3.85 -35.56 -4.17
N THR A 206 -3.41 -36.78 -4.41
CA THR A 206 -3.68 -37.87 -3.46
C THR A 206 -2.37 -38.62 -3.16
N SER A 207 -2.44 -39.54 -2.22
CA SER A 207 -1.36 -40.41 -1.84
C SER A 207 -1.20 -41.60 -2.73
N PRO A 208 0.04 -42.07 -2.87
CA PRO A 208 0.19 -43.43 -3.38
C PRO A 208 -0.35 -44.40 -2.29
N PRO A 209 -0.82 -45.59 -2.71
CA PRO A 209 -0.95 -46.07 -4.07
C PRO A 209 -2.09 -45.44 -4.90
N ALA A 210 -3.04 -44.77 -4.28
CA ALA A 210 -4.19 -44.26 -5.06
C ALA A 210 -3.73 -43.38 -6.26
N ALA A 211 -2.76 -42.50 -5.96
CA ALA A 211 -2.26 -41.50 -6.92
C ALA A 211 -1.90 -42.09 -8.28
N TYR A 212 -1.48 -43.37 -8.31
CA TYR A 212 -1.10 -43.99 -9.58
C TYR A 212 -2.21 -44.29 -10.59
N THR A 213 -3.44 -44.50 -10.09
CA THR A 213 -4.53 -45.04 -10.96
C THR A 213 -5.82 -44.23 -10.90
N ASP A 214 -5.90 -43.34 -9.90
CA ASP A 214 -7.13 -42.65 -9.53
C ASP A 214 -7.47 -41.42 -10.38
N GLY A 215 -6.61 -41.10 -11.36
CA GLY A 215 -6.83 -40.06 -12.35
C GLY A 215 -6.84 -38.60 -11.88
N THR A 216 -6.48 -38.35 -10.63
CA THR A 216 -6.48 -36.99 -10.06
C THR A 216 -5.09 -36.32 -10.18
N GLY A 217 -4.07 -37.07 -10.60
CA GLY A 217 -2.71 -36.52 -10.65
C GLY A 217 -1.83 -37.13 -11.72
N ALA A 218 -0.65 -36.56 -11.91
CA ALA A 218 0.19 -37.00 -13.00
C ALA A 218 0.97 -38.28 -12.62
N THR A 219 1.34 -39.03 -13.65
CA THR A 219 2.14 -40.26 -13.56
C THR A 219 3.18 -40.28 -14.65
N TRP A 220 4.00 -41.32 -14.65
CA TRP A 220 4.96 -41.50 -15.68
C TRP A 220 5.31 -42.98 -15.71
N GLY A 221 5.16 -43.57 -16.91
CA GLY A 221 5.42 -45.04 -17.11
C GLY A 221 4.29 -45.93 -16.60
N MET A 222 3.11 -45.35 -16.37
CA MET A 222 1.91 -46.14 -16.03
C MET A 222 1.29 -46.84 -17.25
N GLY A 223 1.54 -46.32 -18.46
CA GLY A 223 0.86 -46.79 -19.67
C GLY A 223 -0.60 -46.34 -19.75
N ASN A 224 -0.89 -45.20 -19.08
CA ASN A 224 -2.19 -44.60 -19.05
C ASN A 224 -2.17 -43.17 -19.65
N PRO A 225 -2.68 -42.98 -20.90
CA PRO A 225 -2.61 -41.64 -21.51
C PRO A 225 -3.33 -40.56 -20.75
N ALA A 226 -4.26 -40.93 -19.90
CA ALA A 226 -4.99 -39.89 -19.15
C ALA A 226 -4.04 -39.15 -18.20
N THR A 227 -3.02 -39.85 -17.69
CA THR A 227 -2.24 -39.34 -16.61
C THR A 227 -0.71 -39.30 -16.83
N ASP A 228 -0.21 -40.07 -17.81
CA ASP A 228 1.23 -40.24 -18.10
C ASP A 228 1.77 -38.97 -18.73
N TRP A 229 2.50 -38.24 -17.86
CA TRP A 229 3.19 -37.00 -18.31
C TRP A 229 4.21 -37.28 -19.40
N ASN A 230 4.89 -38.47 -19.38
CA ASN A 230 5.84 -38.79 -20.44
C ASN A 230 5.18 -38.90 -21.79
N LEU A 231 3.95 -39.44 -21.78
CA LEU A 231 3.21 -39.49 -23.02
C LEU A 231 2.61 -38.15 -23.44
N ALA A 232 2.15 -37.38 -22.46
CA ALA A 232 1.54 -36.09 -22.76
C ALA A 232 2.61 -35.15 -23.33
N ALA A 233 3.80 -35.18 -22.73
CA ALA A 233 4.87 -34.35 -23.22
C ALA A 233 5.19 -34.60 -24.71
N GLU A 234 5.14 -35.86 -25.13
CA GLU A 234 5.46 -36.17 -26.48
C GLU A 234 4.38 -35.56 -27.40
N ARG A 235 3.12 -35.67 -27.01
CA ARG A 235 2.02 -35.12 -27.83
C ARG A 235 2.05 -33.59 -27.86
N ILE A 236 2.29 -32.97 -26.72
CA ILE A 236 2.32 -31.53 -26.71
C ILE A 236 3.56 -30.99 -27.43
N GLY A 237 4.74 -31.60 -27.15
CA GLY A 237 5.98 -31.22 -27.86
C GLY A 237 5.95 -31.38 -29.36
N LYS A 238 5.37 -32.47 -29.84
CA LYS A 238 5.24 -32.60 -31.27
C LYS A 238 4.41 -31.47 -31.91
N ALA A 239 3.26 -31.14 -31.28
CA ALA A 239 2.39 -30.03 -31.80
C ALA A 239 3.18 -28.71 -31.94
N ILE A 240 3.96 -28.41 -30.89
CA ILE A 240 4.75 -27.18 -30.86
C ILE A 240 5.86 -27.23 -31.90
N LEU A 241 6.56 -28.38 -32.05
CA LEU A 241 7.69 -28.47 -33.00
C LEU A 241 7.26 -28.34 -34.49
N LYS A 242 6.00 -28.69 -34.73
CA LYS A 242 5.40 -28.47 -36.09
C LYS A 242 5.33 -27.01 -36.47
N VAL A 243 5.00 -26.14 -35.48
CA VAL A 243 4.90 -24.72 -35.74
C VAL A 243 6.18 -23.94 -35.40
N ALA A 244 6.96 -24.48 -34.46
CA ALA A 244 8.22 -23.83 -34.09
C ALA A 244 9.37 -24.85 -34.07
N PRO A 245 9.84 -25.28 -35.26
CA PRO A 245 10.79 -26.42 -35.33
C PRO A 245 12.16 -26.04 -34.75
N HIS A 246 12.37 -24.74 -34.65
CA HIS A 246 13.60 -24.16 -34.16
C HIS A 246 13.68 -24.13 -32.59
N TRP A 247 12.57 -24.35 -31.90
CA TRP A 247 12.50 -24.33 -30.42
C TRP A 247 13.03 -25.58 -29.77
N LEU A 248 13.39 -25.45 -28.50
CA LEU A 248 13.61 -26.62 -27.64
C LEU A 248 12.36 -26.90 -26.90
N ILE A 249 12.21 -28.10 -26.44
CA ILE A 249 11.12 -28.53 -25.59
C ILE A 249 11.61 -28.97 -24.23
N PHE A 250 11.21 -28.22 -23.23
CA PHE A 250 11.52 -28.57 -21.91
C PHE A 250 10.48 -29.34 -21.20
N VAL A 251 10.90 -30.45 -20.60
CA VAL A 251 9.96 -31.32 -19.93
C VAL A 251 10.28 -31.59 -18.51
N GLU A 252 9.38 -31.20 -17.63
CA GLU A 252 9.61 -31.38 -16.19
C GLU A 252 9.33 -32.78 -15.67
N GLY A 253 9.74 -33.06 -14.44
CA GLY A 253 9.39 -34.31 -13.72
C GLY A 253 7.94 -34.29 -13.27
N THR A 254 7.45 -35.46 -12.84
CA THR A 254 6.18 -35.42 -12.13
C THR A 254 6.48 -35.43 -10.62
N GLN A 255 5.51 -35.76 -9.75
CA GLN A 255 5.78 -35.99 -8.36
C GLN A 255 5.95 -37.51 -8.07
N PHE A 256 4.90 -38.26 -8.42
CA PHE A 256 5.02 -39.72 -8.46
C PHE A 256 5.07 -40.16 -9.90
N THR A 257 5.63 -41.36 -10.12
CA THR A 257 5.85 -41.85 -11.49
C THR A 257 4.97 -43.12 -11.64
N ASN A 258 5.52 -44.27 -11.25
CA ASN A 258 4.79 -45.55 -11.27
C ASN A 258 5.31 -46.32 -10.07
N PRO A 259 4.53 -47.29 -9.51
CA PRO A 259 4.99 -47.87 -8.24
C PRO A 259 6.33 -48.60 -8.27
N LYS A 260 6.71 -49.23 -9.36
CA LYS A 260 8.00 -49.96 -9.41
C LYS A 260 9.20 -48.96 -9.39
N THR A 261 9.07 -47.87 -10.15
CA THR A 261 10.09 -46.82 -10.11
C THR A 261 10.17 -46.21 -8.74
N ASP A 262 9.06 -45.67 -8.22
CA ASP A 262 9.13 -44.95 -6.94
C ASP A 262 9.55 -45.76 -5.69
N SER A 263 9.16 -47.06 -5.68
CA SER A 263 9.53 -47.90 -4.55
C SER A 263 10.98 -48.43 -4.66
N SER A 264 11.58 -48.35 -5.84
CA SER A 264 12.98 -48.76 -6.03
C SER A 264 14.02 -47.84 -5.38
N TYR A 265 13.59 -46.74 -4.76
CA TYR A 265 14.54 -45.83 -4.06
C TYR A 265 13.93 -45.41 -2.76
N LYS A 266 14.74 -45.29 -1.73
CA LYS A 266 14.17 -45.07 -0.42
C LYS A 266 13.45 -43.72 -0.29
N TRP A 267 13.88 -42.72 -1.07
CA TRP A 267 13.17 -41.44 -1.01
C TRP A 267 12.35 -41.23 -2.25
N GLY A 268 11.90 -42.33 -2.83
CA GLY A 268 11.17 -42.30 -4.07
C GLY A 268 9.81 -41.65 -3.98
N TYR A 269 9.31 -41.46 -2.76
CA TYR A 269 7.98 -40.92 -2.53
C TYR A 269 8.12 -39.48 -2.05
N ASN A 270 9.33 -38.93 -2.11
CA ASN A 270 9.51 -37.65 -1.46
C ASN A 270 10.13 -36.65 -2.47
N ALA A 271 9.87 -36.83 -3.75
CA ALA A 271 10.29 -35.81 -4.75
C ALA A 271 9.36 -34.58 -4.71
N TRP A 272 9.88 -33.46 -5.22
CA TRP A 272 9.08 -32.20 -5.28
C TRP A 272 8.08 -32.33 -6.42
N TRP A 273 6.98 -31.53 -6.44
CA TRP A 273 6.30 -31.35 -7.73
C TRP A 273 7.25 -30.97 -8.87
N GLY A 274 7.14 -31.58 -10.06
CA GLY A 274 7.99 -31.33 -11.19
C GLY A 274 9.44 -31.80 -10.96
N GLY A 275 9.63 -32.60 -9.92
CA GLY A 275 10.97 -33.00 -9.43
C GLY A 275 11.33 -34.47 -9.65
N ASN A 276 10.37 -35.32 -10.04
CA ASN A 276 10.68 -36.78 -10.10
C ASN A 276 10.99 -37.18 -11.54
N LEU A 277 12.27 -37.42 -11.82
CA LEU A 277 12.67 -37.83 -13.11
C LEU A 277 13.20 -39.33 -13.09
N MET A 278 12.82 -40.02 -12.04
CA MET A 278 13.31 -41.42 -11.79
C MET A 278 12.85 -42.34 -12.87
N ALA A 279 11.73 -42.00 -13.48
CA ALA A 279 11.25 -42.79 -14.62
C ALA A 279 11.87 -42.58 -15.99
N VAL A 280 12.77 -41.60 -16.18
CA VAL A 280 13.32 -41.41 -17.49
C VAL A 280 14.12 -42.65 -18.02
N LYS A 281 14.86 -43.30 -17.13
CA LYS A 281 15.74 -44.43 -17.56
C LYS A 281 14.86 -45.48 -18.27
N ASP A 282 13.81 -45.92 -17.59
CA ASP A 282 12.88 -46.91 -18.24
C ASP A 282 11.84 -46.38 -19.26
N TYR A 283 11.46 -45.10 -19.13
CA TYR A 283 10.45 -44.49 -19.98
C TYR A 283 10.88 -43.16 -20.49
N PRO A 284 11.80 -43.16 -21.44
CA PRO A 284 12.25 -41.86 -21.88
C PRO A 284 11.17 -41.21 -22.71
N VAL A 285 11.14 -39.90 -22.67
CA VAL A 285 10.23 -39.17 -23.51
C VAL A 285 10.63 -39.24 -24.93
N ASN A 286 9.63 -39.57 -25.75
CA ASN A 286 9.87 -39.72 -27.14
C ASN A 286 9.77 -38.50 -28.02
N LEU A 287 10.75 -37.57 -27.91
CA LEU A 287 10.87 -36.42 -28.80
C LEU A 287 12.28 -36.48 -29.36
N PRO A 288 12.56 -35.75 -30.44
CA PRO A 288 13.91 -35.79 -30.99
C PRO A 288 14.97 -35.36 -29.96
N ARG A 289 16.08 -36.08 -30.02
CA ARG A 289 17.11 -35.94 -29.03
C ARG A 289 17.78 -34.58 -29.23
N ASN A 290 17.73 -33.99 -30.40
CA ASN A 290 18.32 -32.69 -30.55
C ASN A 290 17.35 -31.54 -30.11
N LYS A 291 16.20 -31.94 -29.57
CA LYS A 291 15.13 -30.95 -29.19
C LYS A 291 14.75 -30.99 -27.72
N LEU A 292 15.08 -32.07 -27.04
CA LEU A 292 14.52 -32.36 -25.78
C LEU A 292 15.46 -32.01 -24.65
N VAL A 293 14.90 -31.30 -23.65
CA VAL A 293 15.64 -30.89 -22.46
C VAL A 293 14.78 -31.34 -21.28
N TYR A 294 15.35 -32.12 -20.36
CA TYR A 294 14.72 -32.39 -19.10
C TYR A 294 14.89 -31.29 -18.02
N SER A 295 13.81 -30.99 -17.34
CA SER A 295 13.78 -29.78 -16.56
C SER A 295 13.19 -30.02 -15.20
N PRO A 296 13.94 -30.66 -14.29
CA PRO A 296 13.43 -30.85 -12.90
C PRO A 296 13.40 -29.59 -12.05
N HIS A 297 12.56 -29.56 -11.00
CA HIS A 297 12.56 -28.55 -9.97
C HIS A 297 13.07 -29.16 -8.70
N VAL A 298 13.66 -28.36 -7.83
CA VAL A 298 14.17 -28.91 -6.59
C VAL A 298 14.16 -27.78 -5.60
N PHE A 299 13.65 -28.01 -4.39
CA PHE A 299 13.58 -26.98 -3.33
C PHE A 299 14.17 -27.41 -1.99
N GLY A 300 14.21 -26.43 -1.08
CA GLY A 300 14.80 -26.40 0.24
C GLY A 300 13.71 -26.43 1.33
N PRO A 301 14.15 -26.27 2.57
CA PRO A 301 13.32 -26.40 3.74
C PRO A 301 12.32 -25.26 3.87
N ASP A 302 12.58 -24.17 3.13
CA ASP A 302 11.59 -23.07 3.14
C ASP A 302 10.32 -23.35 2.37
N VAL A 303 10.32 -24.41 1.52
CA VAL A 303 9.19 -24.71 0.77
C VAL A 303 8.38 -25.87 1.40
N TYR A 304 9.13 -26.89 1.83
CA TYR A 304 8.48 -27.98 2.50
C TYR A 304 9.54 -28.64 3.39
N ASN A 305 9.13 -29.03 4.59
CA ASN A 305 10.02 -29.71 5.54
C ASN A 305 10.14 -31.22 5.15
N GLN A 306 10.92 -31.49 4.13
CA GLN A 306 11.14 -32.85 3.67
C GLN A 306 11.81 -33.67 4.78
N PRO A 307 11.43 -34.93 4.90
CA PRO A 307 12.05 -35.68 5.98
C PRO A 307 13.61 -35.81 5.87
N TYR A 308 14.18 -35.71 4.67
CA TYR A 308 15.65 -35.85 4.50
C TYR A 308 16.37 -34.59 4.81
N PHE A 309 15.60 -33.57 5.21
CA PHE A 309 16.21 -32.42 5.73
C PHE A 309 16.52 -32.52 7.22
N GLY A 310 16.21 -33.65 7.87
CA GLY A 310 16.54 -33.76 9.29
C GLY A 310 18.01 -34.10 9.45
N PRO A 311 18.72 -33.39 10.27
CA PRO A 311 20.07 -33.83 10.50
C PRO A 311 20.23 -35.29 10.92
N ALA A 312 19.24 -35.89 11.60
CA ALA A 312 19.31 -37.32 11.93
C ALA A 312 19.23 -38.19 10.70
N LYS A 313 18.92 -37.58 9.56
CA LYS A 313 18.97 -38.33 8.33
C LYS A 313 20.30 -38.04 7.60
N GLY A 314 21.13 -37.19 8.18
CA GLY A 314 22.44 -36.81 7.66
C GLY A 314 22.44 -35.56 6.81
N PHE A 315 21.36 -34.77 6.93
CA PHE A 315 21.35 -33.47 6.21
C PHE A 315 22.53 -32.59 6.61
N PRO A 316 23.22 -31.93 5.65
CA PRO A 316 22.95 -31.94 4.20
C PRO A 316 23.77 -32.94 3.36
N ASP A 317 24.56 -33.79 4.00
CA ASP A 317 25.53 -34.58 3.25
C ASP A 317 24.86 -35.73 2.57
N ASN A 318 23.62 -36.01 2.96
CA ASN A 318 22.77 -36.97 2.31
C ASN A 318 22.15 -36.46 0.97
N LEU A 319 22.24 -35.15 0.72
CA LEU A 319 21.45 -34.57 -0.49
C LEU A 319 21.96 -34.97 -1.89
N PRO A 320 23.30 -35.05 -2.11
CA PRO A 320 23.78 -35.30 -3.45
C PRO A 320 23.20 -36.59 -3.96
N ASP A 321 23.16 -37.59 -3.07
CA ASP A 321 22.61 -38.88 -3.54
C ASP A 321 21.11 -38.82 -3.83
N ILE A 322 20.39 -38.00 -3.08
CA ILE A 322 18.96 -37.77 -3.27
C ILE A 322 18.76 -37.04 -4.61
N TRP A 323 19.48 -35.94 -4.81
CA TRP A 323 19.41 -35.27 -6.12
C TRP A 323 19.78 -36.17 -7.31
N TYR A 324 20.86 -36.94 -7.14
CA TYR A 324 21.29 -37.84 -8.18
C TYR A 324 20.16 -38.80 -8.48
N HIS A 325 19.53 -39.39 -7.49
CA HIS A 325 18.48 -40.42 -7.77
C HIS A 325 17.25 -39.80 -8.40
N HIS A 326 16.83 -38.64 -7.88
CA HIS A 326 15.60 -38.01 -8.43
C HIS A 326 15.71 -37.48 -9.83
N PHE A 327 16.87 -36.91 -10.20
CA PHE A 327 17.05 -36.30 -11.48
C PHE A 327 18.48 -36.26 -12.04
N GLY A 328 19.48 -36.16 -11.16
CA GLY A 328 20.82 -35.92 -11.66
C GLY A 328 21.39 -37.02 -12.58
N TYR A 329 21.04 -38.25 -12.28
CA TYR A 329 21.49 -39.37 -13.17
C TYR A 329 21.06 -39.17 -14.61
N VAL A 330 19.98 -38.39 -14.86
CA VAL A 330 19.53 -38.14 -16.25
C VAL A 330 20.60 -37.57 -17.10
N LYS A 331 21.40 -36.68 -16.53
CA LYS A 331 22.54 -36.16 -17.20
C LYS A 331 23.77 -37.06 -16.97
N LEU A 332 24.00 -37.43 -15.71
CA LEU A 332 25.31 -37.94 -15.30
C LEU A 332 25.52 -39.35 -15.78
N GLU A 333 24.44 -40.12 -15.80
CA GLU A 333 24.50 -41.48 -16.23
C GLU A 333 24.02 -41.57 -17.68
N LEU A 334 22.83 -40.99 -17.98
CA LEU A 334 22.24 -41.13 -19.29
C LEU A 334 22.69 -40.15 -20.38
N GLY A 335 23.29 -39.03 -20.02
CA GLY A 335 23.84 -38.14 -21.04
C GLY A 335 22.86 -37.10 -21.62
N TYR A 336 21.72 -36.89 -20.98
CA TYR A 336 20.70 -35.88 -21.49
C TYR A 336 21.01 -34.50 -20.93
N SER A 337 20.60 -33.47 -21.68
CA SER A 337 20.53 -32.10 -21.15
C SER A 337 19.51 -32.05 -20.02
N VAL A 338 19.98 -31.47 -18.92
CA VAL A 338 19.16 -31.31 -17.76
C VAL A 338 19.32 -29.83 -17.31
N VAL A 339 18.18 -29.14 -17.27
CA VAL A 339 18.18 -27.74 -16.86
C VAL A 339 17.30 -27.58 -15.63
N ILE A 340 17.85 -27.09 -14.49
CA ILE A 340 17.02 -27.05 -13.33
C ILE A 340 16.08 -25.82 -13.49
N GLY A 341 14.79 -26.04 -13.54
CA GLY A 341 13.88 -24.95 -13.95
C GLY A 341 13.37 -24.09 -12.83
N GLU A 342 13.50 -24.56 -11.59
CA GLU A 342 13.14 -23.75 -10.44
C GLU A 342 13.90 -24.32 -9.26
N PHE A 343 14.48 -23.43 -8.45
CA PHE A 343 15.04 -23.80 -7.15
C PHE A 343 15.23 -22.46 -6.46
N GLY A 344 15.11 -22.47 -5.14
CA GLY A 344 15.35 -21.20 -4.36
C GLY A 344 14.83 -21.31 -2.97
N GLY A 345 14.92 -20.22 -2.20
CA GLY A 345 14.50 -20.26 -0.82
C GLY A 345 14.95 -18.97 -0.21
N LYS A 346 14.62 -18.77 1.08
CA LYS A 346 14.89 -17.47 1.71
C LYS A 346 16.31 -17.22 2.17
N TYR A 347 17.11 -18.28 2.25
CA TYR A 347 18.51 -18.20 2.44
C TYR A 347 18.67 -17.46 3.82
N GLY A 348 17.84 -17.92 4.77
CA GLY A 348 17.91 -17.44 6.18
C GLY A 348 17.38 -16.06 6.47
N HIS A 349 16.78 -15.43 5.49
CA HIS A 349 16.19 -14.07 5.70
C HIS A 349 14.74 -14.26 6.03
N GLY A 350 14.42 -14.45 7.30
CA GLY A 350 13.06 -14.64 7.62
C GLY A 350 12.53 -16.02 7.40
N GLY A 351 13.42 -16.99 7.18
CA GLY A 351 12.93 -18.31 6.99
C GLY A 351 13.76 -19.30 7.80
N ASP A 352 13.66 -20.59 7.47
CA ASP A 352 14.44 -21.69 8.14
C ASP A 352 15.96 -21.48 8.00
N PRO A 353 16.70 -21.40 9.12
CA PRO A 353 18.15 -21.22 8.93
C PRO A 353 18.88 -22.38 8.15
N ARG A 354 18.25 -23.55 8.09
CA ARG A 354 18.80 -24.66 7.27
C ARG A 354 18.74 -24.39 5.74
N ASP A 355 17.90 -23.45 5.33
CA ASP A 355 17.93 -23.04 3.90
C ASP A 355 19.26 -22.52 3.38
N VAL A 356 20.06 -21.83 4.19
CA VAL A 356 21.37 -21.38 3.79
C VAL A 356 22.21 -22.63 3.42
N ILE A 357 22.24 -23.64 4.32
CA ILE A 357 23.05 -24.83 4.11
C ILE A 357 22.55 -25.59 2.85
N TRP A 358 21.22 -25.71 2.73
CA TRP A 358 20.64 -26.32 1.56
C TRP A 358 21.10 -25.62 0.27
N GLN A 359 20.89 -24.33 0.13
CA GLN A 359 21.26 -23.63 -1.12
C GLN A 359 22.79 -23.72 -1.39
N ASN A 360 23.63 -23.63 -0.33
CA ASN A 360 25.04 -23.82 -0.57
C ASN A 360 25.37 -25.20 -1.10
N LYS A 361 24.75 -26.20 -0.53
CA LYS A 361 25.12 -27.52 -0.88
C LYS A 361 24.63 -27.79 -2.32
N LEU A 362 23.46 -27.22 -2.63
CA LEU A 362 22.90 -27.50 -3.99
C LEU A 362 23.77 -26.85 -5.05
N VAL A 363 24.14 -25.60 -4.83
CA VAL A 363 24.97 -24.96 -5.84
C VAL A 363 26.35 -25.70 -5.91
N ASP A 364 26.91 -26.10 -4.76
CA ASP A 364 28.19 -26.93 -4.80
C ASP A 364 28.02 -28.13 -5.75
N TRP A 365 26.94 -28.86 -5.59
CA TRP A 365 26.69 -30.07 -6.36
C TRP A 365 26.45 -29.73 -7.86
N MET A 366 25.69 -28.66 -8.13
CA MET A 366 25.55 -28.23 -9.54
C MET A 366 26.88 -27.90 -10.13
N ILE A 367 27.72 -27.11 -9.44
CA ILE A 367 28.97 -26.74 -10.03
C ILE A 367 29.87 -27.99 -10.30
N GLU A 368 29.96 -28.93 -9.36
CA GLU A 368 30.94 -29.99 -9.46
C GLU A 368 30.47 -30.99 -10.45
N ASN A 369 29.15 -31.02 -10.70
CA ASN A 369 28.61 -31.97 -11.72
C ASN A 369 28.23 -31.33 -13.05
N LYS A 370 28.61 -30.07 -13.23
CA LYS A 370 28.46 -29.29 -14.46
C LYS A 370 26.94 -29.16 -14.80
N PHE A 371 26.09 -29.00 -13.80
CA PHE A 371 24.70 -28.53 -14.09
C PHE A 371 24.77 -27.01 -14.23
N CYS A 372 25.13 -26.48 -15.41
CA CYS A 372 25.41 -25.05 -15.59
C CYS A 372 24.19 -24.26 -16.05
N ASP A 373 23.13 -24.95 -16.47
CA ASP A 373 21.94 -24.22 -16.94
C ASP A 373 20.87 -24.28 -15.91
N PHE A 374 20.27 -23.11 -15.52
CA PHE A 374 19.28 -23.18 -14.48
C PHE A 374 18.40 -21.89 -14.48
N PHE A 375 17.32 -21.98 -13.78
CA PHE A 375 16.44 -20.79 -13.56
C PHE A 375 16.09 -20.68 -12.13
N TYR A 376 16.55 -19.63 -11.47
CA TYR A 376 16.28 -19.48 -10.03
C TYR A 376 14.88 -18.99 -9.77
N TRP A 377 14.31 -19.47 -8.68
CA TRP A 377 12.99 -19.03 -8.22
C TRP A 377 13.13 -18.20 -7.00
N SER A 378 12.92 -16.89 -7.13
CA SER A 378 12.50 -16.17 -8.33
C SER A 378 13.30 -14.84 -8.36
N TRP A 379 13.25 -14.12 -9.49
CA TRP A 379 13.69 -12.71 -9.45
C TRP A 379 12.84 -11.94 -8.47
N ASN A 380 11.53 -12.13 -8.53
CA ASN A 380 10.51 -11.41 -7.67
C ASN A 380 10.81 -11.62 -6.19
N PRO A 381 10.72 -10.56 -5.33
CA PRO A 381 10.70 -10.86 -3.91
C PRO A 381 9.40 -11.37 -3.36
N ASP A 382 8.31 -11.28 -4.13
CA ASP A 382 6.96 -11.52 -3.62
C ASP A 382 6.55 -12.97 -3.87
N SER A 383 7.46 -13.88 -3.48
CA SER A 383 7.20 -15.32 -3.47
C SER A 383 7.08 -15.71 -1.98
N GLY A 384 5.92 -16.13 -1.55
CA GLY A 384 5.71 -16.11 -0.09
C GLY A 384 6.58 -17.08 0.72
N ASP A 385 6.97 -18.17 0.10
CA ASP A 385 7.76 -19.17 0.86
C ASP A 385 9.25 -19.09 0.51
N THR A 386 9.64 -18.41 -0.59
CA THR A 386 11.07 -18.39 -1.02
C THR A 386 11.76 -17.04 -1.03
N GLY A 387 10.98 -15.93 -0.96
CA GLY A 387 11.55 -14.67 -1.37
C GLY A 387 12.16 -14.79 -2.76
N GLY A 388 13.12 -13.94 -3.04
CA GLY A 388 13.69 -13.87 -4.39
C GLY A 388 15.06 -13.28 -4.32
N ILE A 389 15.57 -12.92 -5.48
CA ILE A 389 16.87 -12.36 -5.63
C ILE A 389 16.75 -10.91 -5.19
N LEU A 390 15.70 -10.25 -5.65
CA LEU A 390 15.32 -8.89 -5.05
C LEU A 390 14.82 -9.01 -3.62
N GLN A 391 15.17 -7.97 -2.81
CA GLN A 391 14.43 -7.68 -1.56
C GLN A 391 13.04 -7.06 -1.75
N ASP A 392 12.27 -6.95 -0.65
CA ASP A 392 10.91 -6.52 -0.70
C ASP A 392 10.67 -5.10 -1.25
N ASP A 393 11.71 -4.28 -1.30
CA ASP A 393 11.61 -2.97 -2.00
C ASP A 393 11.66 -3.10 -3.53
N TRP A 394 11.79 -4.36 -4.06
CA TRP A 394 11.88 -4.50 -5.52
C TRP A 394 13.02 -3.85 -6.22
N THR A 395 14.05 -3.46 -5.46
CA THR A 395 15.15 -2.70 -5.96
C THR A 395 16.51 -3.23 -5.58
N THR A 396 16.75 -3.50 -4.28
CA THR A 396 18.05 -4.01 -3.84
C THR A 396 18.00 -5.57 -3.82
N ILE A 397 19.15 -6.24 -3.95
CA ILE A 397 19.20 -7.70 -3.92
C ILE A 397 19.64 -8.20 -2.57
N TRP A 398 19.30 -9.42 -2.23
CA TRP A 398 19.94 -10.15 -1.10
C TRP A 398 21.35 -10.53 -1.52
N GLU A 399 22.34 -9.76 -1.04
CA GLU A 399 23.73 -9.99 -1.47
C GLU A 399 24.24 -11.44 -1.21
N ASP A 400 24.02 -11.95 0.01
CA ASP A 400 24.55 -13.31 0.35
C ASP A 400 23.91 -14.41 -0.53
N LYS A 401 22.60 -14.35 -0.70
CA LYS A 401 21.87 -15.31 -1.56
C LYS A 401 22.46 -15.28 -2.99
N TYR A 402 22.62 -14.08 -3.53
CA TYR A 402 23.08 -13.85 -4.85
C TYR A 402 24.53 -14.31 -4.98
N ASN A 403 25.37 -13.97 -3.99
CA ASN A 403 26.78 -14.41 -3.99
C ASN A 403 26.91 -15.94 -4.05
N ASN A 404 26.00 -16.64 -3.36
CA ASN A 404 26.08 -18.10 -3.41
C ASN A 404 25.75 -18.53 -4.86
N LEU A 405 24.67 -17.95 -5.40
CA LEU A 405 24.18 -18.39 -6.75
C LEU A 405 25.18 -18.07 -7.87
N LYS A 406 25.85 -16.95 -7.75
CA LYS A 406 26.71 -16.45 -8.79
C LYS A 406 27.95 -17.26 -9.01
N ARG A 407 28.20 -18.21 -8.10
CA ARG A 407 29.22 -19.26 -8.33
C ARG A 407 28.93 -20.08 -9.58
N LEU A 408 27.65 -20.19 -9.98
CA LEU A 408 27.32 -20.94 -11.17
C LEU A 408 27.62 -20.13 -12.44
N MET A 409 27.79 -18.84 -12.28
CA MET A 409 27.90 -17.96 -13.43
C MET A 409 29.35 -17.63 -13.78
N ASP A 410 30.32 -18.13 -13.00
CA ASP A 410 31.71 -17.63 -13.17
C ASP A 410 32.40 -18.29 -14.37
N GLN B 34 -23.99 16.63 -8.59
CA GLN B 34 -24.28 16.92 -7.15
C GLN B 34 -25.17 15.82 -6.55
N THR B 35 -26.47 15.69 -6.91
CA THR B 35 -27.38 14.63 -6.35
C THR B 35 -28.73 14.34 -7.05
N PRO B 36 -29.02 13.06 -7.37
CA PRO B 36 -30.32 12.74 -7.98
C PRO B 36 -31.49 12.83 -6.98
N THR B 37 -31.20 12.92 -5.67
CA THR B 37 -32.30 12.91 -4.71
C THR B 37 -32.57 14.27 -4.10
N GLY B 38 -31.66 15.20 -4.31
CA GLY B 38 -31.71 16.41 -3.53
C GLY B 38 -31.04 16.32 -2.17
N ILE B 39 -30.61 15.12 -1.72
CA ILE B 39 -29.89 14.99 -0.48
C ILE B 39 -28.45 14.59 -0.86
N TYR B 40 -27.53 15.16 -0.16
CA TYR B 40 -26.11 14.89 -0.41
C TYR B 40 -25.49 14.56 0.95
N TYR B 41 -24.70 13.48 1.02
CA TYR B 41 -24.12 13.05 2.28
C TYR B 41 -22.64 13.41 2.25
N GLU B 42 -22.11 13.90 3.36
CA GLU B 42 -20.66 14.19 3.40
C GLU B 42 -20.14 14.17 4.78
N VAL B 43 -18.86 13.95 4.90
CA VAL B 43 -18.22 14.05 6.16
C VAL B 43 -17.63 15.46 6.35
N ARG B 44 -17.96 16.08 7.48
CA ARG B 44 -17.32 17.32 7.92
C ARG B 44 -16.68 17.02 9.24
N GLY B 45 -15.39 17.30 9.31
CA GLY B 45 -14.62 16.93 10.50
C GLY B 45 -14.53 15.40 10.51
N ASP B 46 -15.14 14.73 11.50
CA ASP B 46 -15.31 13.28 11.48
C ASP B 46 -16.75 12.88 11.68
N THR B 47 -17.65 13.80 11.37
CA THR B 47 -19.09 13.63 11.57
C THR B 47 -19.77 13.57 10.21
N ILE B 48 -20.70 12.63 10.07
CA ILE B 48 -21.47 12.58 8.86
C ILE B 48 -22.61 13.61 8.85
N TYR B 49 -22.77 14.24 7.70
CA TYR B 49 -23.85 15.23 7.48
C TYR B 49 -24.79 14.86 6.36
N MET B 50 -26.06 15.23 6.57
CA MET B 50 -27.07 15.07 5.52
C MET B 50 -27.35 16.54 5.08
N ILE B 51 -27.15 16.82 3.81
CA ILE B 51 -27.35 18.17 3.22
C ILE B 51 -28.51 18.17 2.31
N ASN B 52 -29.46 19.08 2.54
CA ASN B 52 -30.51 19.26 1.56
C ASN B 52 -30.02 20.38 0.62
N VAL B 53 -29.77 20.05 -0.64
CA VAL B 53 -28.96 20.94 -1.48
C VAL B 53 -29.74 22.21 -1.85
N THR B 54 -31.04 22.03 -2.08
CA THR B 54 -31.96 23.17 -2.32
C THR B 54 -32.05 24.18 -1.21
N SER B 55 -32.33 23.71 0.02
CA SER B 55 -32.55 24.64 1.11
C SER B 55 -31.25 25.06 1.75
N GLY B 56 -30.19 24.28 1.50
CA GLY B 56 -28.93 24.59 2.13
C GLY B 56 -28.81 24.05 3.53
N GLU B 57 -29.89 23.43 4.06
CA GLU B 57 -29.86 22.91 5.43
C GLU B 57 -28.87 21.74 5.55
N GLU B 58 -28.11 21.72 6.64
CA GLU B 58 -27.03 20.70 6.92
C GLU B 58 -27.32 20.12 8.28
N THR B 59 -27.60 18.83 8.36
CA THR B 59 -27.85 18.27 9.70
C THR B 59 -26.82 17.19 9.99
N PRO B 60 -26.19 17.24 11.16
CA PRO B 60 -25.29 16.10 11.49
C PRO B 60 -26.14 14.94 11.87
N ILE B 61 -25.70 13.76 11.47
CA ILE B 61 -26.43 12.54 11.81
C ILE B 61 -25.58 11.57 12.57
N HIS B 62 -26.20 10.81 13.47
N HIS B 62 -26.22 10.85 13.49
CA HIS B 62 -25.50 9.74 14.17
CA HIS B 62 -25.58 9.76 14.17
C HIS B 62 -26.19 8.39 13.90
C HIS B 62 -26.16 8.52 13.46
N LEU B 63 -25.41 7.43 13.41
CA LEU B 63 -25.97 6.12 12.87
C LEU B 63 -26.05 5.18 14.08
N PHE B 64 -27.27 4.98 14.56
CA PHE B 64 -27.48 4.01 15.66
C PHE B 64 -28.06 2.83 14.89
N GLY B 65 -27.18 1.91 14.48
CA GLY B 65 -27.48 0.95 13.44
C GLY B 65 -27.54 -0.49 13.88
N VAL B 66 -28.23 -1.29 13.06
CA VAL B 66 -28.16 -2.73 13.23
C VAL B 66 -27.91 -3.29 11.84
N ASN B 67 -27.21 -4.41 11.83
CA ASN B 67 -27.15 -5.28 10.61
C ASN B 67 -28.36 -6.23 10.51
N TRP B 68 -29.05 -6.19 9.37
CA TRP B 68 -30.09 -7.19 9.18
C TRP B 68 -29.64 -7.99 7.92
N PHE B 69 -29.17 -9.22 8.21
CA PHE B 69 -28.49 -9.94 7.13
C PHE B 69 -29.43 -10.92 6.51
N GLY B 70 -29.05 -11.33 5.32
CA GLY B 70 -29.73 -12.45 4.65
C GLY B 70 -29.60 -12.26 3.14
N PHE B 71 -29.54 -11.01 2.67
CA PHE B 71 -29.38 -10.81 1.20
C PHE B 71 -28.03 -11.36 0.70
N GLU B 72 -27.08 -11.63 1.60
CA GLU B 72 -25.79 -12.15 1.13
C GLU B 72 -25.77 -13.70 1.22
N THR B 73 -26.89 -14.31 1.61
CA THR B 73 -26.88 -15.74 1.90
C THR B 73 -27.70 -16.45 0.82
N PRO B 74 -27.68 -17.80 0.85
CA PRO B 74 -28.45 -18.47 -0.22
C PRO B 74 -29.94 -18.21 -0.12
N ASN B 75 -30.40 -17.68 1.01
CA ASN B 75 -31.78 -17.25 1.10
C ASN B 75 -32.13 -16.11 0.13
N HIS B 76 -31.15 -15.28 -0.23
CA HIS B 76 -31.39 -14.08 -1.06
C HIS B 76 -32.45 -13.11 -0.53
N VAL B 77 -32.53 -13.02 0.81
CA VAL B 77 -33.45 -12.06 1.43
C VAL B 77 -33.06 -11.94 2.88
N VAL B 78 -33.33 -10.79 3.48
CA VAL B 78 -33.09 -10.71 4.91
C VAL B 78 -33.78 -11.87 5.64
N HIS B 79 -33.09 -12.43 6.61
CA HIS B 79 -33.66 -13.56 7.39
C HIS B 79 -34.81 -13.18 8.34
N GLY B 80 -35.56 -14.17 8.78
CA GLY B 80 -36.61 -13.93 9.76
C GLY B 80 -38.00 -13.78 9.22
N LEU B 81 -38.10 -13.69 7.90
CA LEU B 81 -39.42 -13.52 7.26
C LEU B 81 -40.25 -14.85 7.21
N TRP B 82 -39.66 -15.90 7.74
CA TRP B 82 -40.38 -17.12 8.10
C TRP B 82 -41.09 -17.10 9.44
N LYS B 83 -40.78 -16.12 10.29
CA LYS B 83 -41.37 -16.01 11.61
C LYS B 83 -42.11 -14.65 11.70
N ARG B 84 -41.64 -13.64 10.95
CA ARG B 84 -42.11 -12.25 11.12
C ARG B 84 -42.51 -11.56 9.81
N ASN B 85 -43.33 -10.53 9.95
CA ASN B 85 -43.63 -9.66 8.83
C ASN B 85 -42.48 -8.63 8.68
N TRP B 86 -42.06 -8.36 7.45
CA TRP B 86 -40.94 -7.48 7.21
C TRP B 86 -41.14 -6.05 7.75
N GLU B 87 -42.36 -5.52 7.67
CA GLU B 87 -42.58 -4.13 8.13
C GLU B 87 -42.60 -4.10 9.63
N ASP B 88 -43.22 -5.13 10.25
CA ASP B 88 -43.22 -5.23 11.70
C ASP B 88 -41.79 -5.23 12.23
N MET B 89 -40.90 -5.92 11.49
CA MET B 89 -39.49 -5.99 11.83
C MET B 89 -38.90 -4.59 11.80
N LEU B 90 -39.14 -3.82 10.74
CA LEU B 90 -38.66 -2.42 10.66
C LEU B 90 -39.23 -1.57 11.79
N LEU B 91 -40.54 -1.69 12.05
CA LEU B 91 -41.12 -0.96 13.16
C LEU B 91 -40.49 -1.31 14.48
N GLN B 92 -40.18 -2.58 14.72
CA GLN B 92 -39.59 -3.05 15.97
C GLN B 92 -38.18 -2.49 16.09
N ILE B 93 -37.48 -2.48 14.98
CA ILE B 93 -36.11 -1.91 14.93
C ILE B 93 -36.21 -0.40 15.31
N LYS B 94 -37.15 0.28 14.68
CA LYS B 94 -37.30 1.73 14.99
C LYS B 94 -37.76 1.94 16.43
N SER B 95 -38.64 1.08 16.95
CA SER B 95 -39.19 1.28 18.32
C SER B 95 -38.09 1.21 19.42
N LEU B 96 -36.95 0.58 19.07
CA LEU B 96 -35.82 0.37 19.96
C LEU B 96 -34.80 1.50 19.84
N GLY B 97 -35.09 2.49 19.00
CA GLY B 97 -34.24 3.68 18.92
C GLY B 97 -33.21 3.61 17.82
N PHE B 98 -33.16 2.52 17.05
CA PHE B 98 -32.19 2.53 15.88
C PHE B 98 -32.70 3.44 14.79
N ASN B 99 -31.80 4.06 14.05
CA ASN B 99 -32.17 4.88 12.91
C ASN B 99 -31.31 4.54 11.68
N ALA B 100 -30.69 3.32 11.68
CA ALA B 100 -29.85 2.97 10.55
C ALA B 100 -29.85 1.45 10.40
N ILE B 101 -29.76 0.97 9.17
CA ILE B 101 -29.65 -0.47 8.95
C ILE B 101 -28.53 -0.67 7.95
N ARG B 102 -27.65 -1.60 8.25
CA ARG B 102 -26.64 -2.02 7.28
C ARG B 102 -27.20 -3.29 6.63
N LEU B 103 -27.23 -3.29 5.30
CA LEU B 103 -27.87 -4.36 4.53
C LEU B 103 -26.80 -5.13 3.72
N PRO B 104 -26.33 -6.31 4.22
CA PRO B 104 -25.30 -7.06 3.48
C PRO B 104 -25.98 -7.62 2.24
N PHE B 105 -25.28 -7.69 1.09
CA PHE B 105 -25.92 -8.31 -0.13
C PHE B 105 -24.84 -9.19 -0.82
N CYS B 106 -25.24 -10.11 -1.71
CA CYS B 106 -24.24 -10.80 -2.52
C CYS B 106 -24.53 -10.45 -3.96
N THR B 107 -23.61 -10.83 -4.88
CA THR B 107 -23.80 -10.47 -6.27
C THR B 107 -25.19 -10.90 -6.78
N GLU B 108 -25.60 -12.16 -6.53
CA GLU B 108 -26.88 -12.64 -7.05
C GLU B 108 -28.09 -11.84 -6.53
N SER B 109 -28.05 -11.41 -5.25
CA SER B 109 -29.24 -10.73 -4.73
C SER B 109 -29.54 -9.42 -5.43
N VAL B 110 -28.53 -8.80 -6.00
CA VAL B 110 -28.78 -7.54 -6.68
C VAL B 110 -28.95 -7.67 -8.19
N LYS B 111 -28.93 -8.89 -8.71
CA LYS B 111 -29.28 -9.05 -10.12
C LYS B 111 -30.78 -9.28 -10.29
N PRO B 112 -31.43 -8.61 -11.26
CA PRO B 112 -32.86 -8.89 -11.45
C PRO B 112 -33.09 -10.39 -11.64
N GLY B 113 -34.19 -10.91 -11.13
CA GLY B 113 -34.55 -12.29 -11.31
C GLY B 113 -34.19 -13.30 -10.23
N THR B 114 -33.39 -12.90 -9.25
CA THR B 114 -32.99 -13.86 -8.23
C THR B 114 -34.18 -14.06 -7.28
N GLN B 115 -34.50 -15.31 -6.99
CA GLN B 115 -35.67 -15.62 -6.22
C GLN B 115 -35.27 -15.76 -4.77
N PRO B 116 -36.02 -15.11 -3.89
CA PRO B 116 -35.62 -15.40 -2.51
C PRO B 116 -36.20 -16.72 -2.08
N ILE B 117 -35.59 -17.34 -1.10
CA ILE B 117 -36.22 -18.46 -0.44
C ILE B 117 -36.30 -18.36 1.12
N GLY B 118 -37.32 -19.03 1.65
CA GLY B 118 -37.53 -19.14 3.09
C GLY B 118 -38.48 -18.07 3.61
N ILE B 119 -39.33 -17.50 2.74
CA ILE B 119 -40.29 -16.47 3.17
C ILE B 119 -41.65 -17.10 3.55
N ASP B 120 -42.21 -16.72 4.71
CA ASP B 120 -43.62 -17.05 5.06
C ASP B 120 -44.54 -16.01 4.44
N TYR B 121 -45.12 -16.34 3.29
CA TYR B 121 -45.97 -15.38 2.56
C TYR B 121 -47.34 -15.05 3.15
N SER B 122 -47.82 -15.80 4.13
CA SER B 122 -49.07 -15.36 4.78
C SER B 122 -48.83 -14.21 5.80
N LYS B 123 -47.62 -14.20 6.38
CA LYS B 123 -47.15 -13.07 7.20
C LYS B 123 -46.66 -11.94 6.31
N ASN B 124 -46.13 -12.26 5.13
CA ASN B 124 -45.62 -11.26 4.17
C ASN B 124 -46.36 -11.23 2.82
N PRO B 125 -47.68 -10.93 2.83
CA PRO B 125 -48.43 -11.07 1.53
C PRO B 125 -47.97 -10.14 0.43
N ASP B 126 -47.47 -8.97 0.80
CA ASP B 126 -47.11 -7.99 -0.20
C ASP B 126 -45.76 -8.27 -0.86
N LEU B 127 -45.11 -9.38 -0.49
CA LEU B 127 -43.81 -9.79 -1.04
C LEU B 127 -43.99 -10.90 -2.11
N ARG B 128 -45.19 -11.48 -2.15
CA ARG B 128 -45.52 -12.41 -3.25
C ARG B 128 -45.12 -11.89 -4.62
N GLY B 129 -44.28 -12.70 -5.29
CA GLY B 129 -43.87 -12.48 -6.67
C GLY B 129 -42.61 -11.66 -6.85
N LEU B 130 -42.15 -10.99 -5.78
CA LEU B 130 -41.04 -10.05 -5.92
C LEU B 130 -39.73 -10.81 -5.92
N ASP B 131 -38.76 -10.34 -6.70
CA ASP B 131 -37.46 -10.95 -6.64
C ASP B 131 -36.68 -10.27 -5.47
N SER B 132 -35.50 -10.83 -5.16
CA SER B 132 -34.59 -10.31 -4.14
C SER B 132 -34.33 -8.80 -4.28
N LEU B 133 -34.26 -8.31 -5.51
CA LEU B 133 -34.05 -6.90 -5.73
C LEU B 133 -35.21 -5.96 -5.31
N GLN B 134 -36.42 -6.32 -5.72
CA GLN B 134 -37.61 -5.58 -5.43
C GLN B 134 -37.95 -5.64 -3.96
N ILE B 135 -37.63 -6.74 -3.28
CA ILE B 135 -37.73 -6.78 -1.80
C ILE B 135 -36.72 -5.79 -1.16
N MET B 136 -35.49 -5.79 -1.64
CA MET B 136 -34.51 -4.86 -1.16
C MET B 136 -35.02 -3.41 -1.30
N GLU B 137 -35.56 -3.09 -2.48
CA GLU B 137 -36.15 -1.79 -2.74
C GLU B 137 -37.32 -1.40 -1.79
N LYS B 138 -38.22 -2.35 -1.52
CA LYS B 138 -39.35 -2.10 -0.61
C LYS B 138 -38.89 -1.83 0.80
N ILE B 139 -37.91 -2.63 1.24
CA ILE B 139 -37.36 -2.49 2.61
C ILE B 139 -36.69 -1.10 2.75
N ILE B 140 -35.91 -0.71 1.75
CA ILE B 140 -35.21 0.55 1.83
C ILE B 140 -36.20 1.70 1.81
N LYS B 141 -37.26 1.59 0.99
CA LYS B 141 -38.23 2.66 0.90
C LYS B 141 -39.00 2.81 2.26
N LYS B 142 -39.45 1.68 2.81
CA LYS B 142 -40.15 1.65 4.14
C LYS B 142 -39.20 2.22 5.23
N ALA B 143 -37.93 1.78 5.22
CA ALA B 143 -36.97 2.32 6.19
C ALA B 143 -36.92 3.83 6.05
N GLY B 144 -36.82 4.34 4.81
CA GLY B 144 -36.81 5.85 4.63
C GLY B 144 -38.04 6.58 5.19
N ASP B 145 -39.21 5.97 5.06
CA ASP B 145 -40.47 6.45 5.65
C ASP B 145 -40.37 6.61 7.18
N LEU B 146 -39.55 5.76 7.81
CA LEU B 146 -39.36 5.77 9.28
C LEU B 146 -38.12 6.65 9.64
N GLY B 147 -37.49 7.32 8.66
CA GLY B 147 -36.27 8.13 9.00
C GLY B 147 -34.99 7.29 9.20
N ILE B 148 -35.00 6.04 8.72
CA ILE B 148 -33.92 5.13 8.98
C ILE B 148 -32.97 5.16 7.81
N PHE B 149 -31.73 5.51 8.05
CA PHE B 149 -30.68 5.47 6.96
C PHE B 149 -30.24 4.03 6.61
N VAL B 150 -29.90 3.82 5.33
CA VAL B 150 -29.47 2.45 4.87
C VAL B 150 -28.04 2.48 4.33
N LEU B 151 -27.23 1.50 4.77
CA LEU B 151 -25.87 1.39 4.21
C LEU B 151 -25.87 0.05 3.48
N LEU B 152 -25.53 0.07 2.18
CA LEU B 152 -25.42 -1.15 1.38
C LEU B 152 -24.02 -1.75 1.55
N ASP B 153 -23.93 -3.03 1.84
CA ASP B 153 -22.66 -3.64 2.12
C ASP B 153 -22.49 -4.88 1.14
N TYR B 154 -21.52 -4.77 0.25
CA TYR B 154 -21.23 -5.91 -0.72
C TYR B 154 -20.47 -6.97 0.08
N HIS B 155 -21.25 -7.87 0.63
CA HIS B 155 -20.78 -8.77 1.72
C HIS B 155 -19.97 -10.03 1.24
N ARG B 156 -20.44 -10.58 0.15
CA ARG B 156 -19.87 -11.81 -0.37
C ARG B 156 -20.05 -11.65 -1.89
N ILE B 157 -19.05 -12.15 -2.64
CA ILE B 157 -19.22 -12.19 -4.11
C ILE B 157 -20.16 -13.35 -4.48
N GLY B 158 -19.87 -14.55 -3.97
CA GLY B 158 -20.81 -15.67 -4.13
C GLY B 158 -21.81 -15.59 -2.97
N CYS B 159 -22.59 -16.62 -2.70
CA CYS B 159 -23.54 -16.43 -1.59
C CYS B 159 -23.29 -17.35 -0.43
N THR B 160 -22.03 -17.80 -0.26
CA THR B 160 -21.69 -18.80 0.73
C THR B 160 -20.73 -18.38 1.82
N HIS B 161 -19.78 -17.51 1.50
CA HIS B 161 -18.72 -17.20 2.46
C HIS B 161 -18.08 -15.90 2.01
N ILE B 162 -17.36 -15.31 2.93
CA ILE B 162 -16.77 -14.04 2.68
C ILE B 162 -15.41 -14.36 2.02
N GLU B 163 -15.24 -14.01 0.76
CA GLU B 163 -13.93 -14.14 0.11
C GLU B 163 -12.90 -13.20 0.73
N PRO B 164 -11.64 -13.60 0.76
CA PRO B 164 -10.59 -12.80 1.24
C PRO B 164 -10.34 -11.54 0.38
N LEU B 165 -10.56 -11.63 -0.92
CA LEU B 165 -10.33 -10.54 -1.89
C LEU B 165 -11.63 -10.17 -2.59
N TRP B 166 -11.63 -9.06 -3.32
CA TRP B 166 -12.80 -8.57 -4.01
C TRP B 166 -12.87 -9.14 -5.43
N TYR B 167 -12.28 -10.32 -5.62
CA TYR B 167 -12.42 -11.01 -6.91
C TYR B 167 -12.11 -12.46 -6.63
N THR B 168 -12.52 -13.30 -7.58
CA THR B 168 -12.26 -14.71 -7.46
C THR B 168 -11.80 -15.16 -8.85
N GLU B 169 -11.38 -16.41 -9.00
N GLU B 169 -11.40 -16.41 -8.93
CA GLU B 169 -11.00 -16.91 -10.35
CA GLU B 169 -11.06 -17.03 -10.21
C GLU B 169 -12.11 -16.75 -11.40
C GLU B 169 -12.08 -16.64 -11.30
N ASP B 170 -13.36 -16.76 -10.97
CA ASP B 170 -14.44 -16.58 -11.90
C ASP B 170 -15.08 -15.20 -11.95
N PHE B 171 -14.64 -14.28 -11.10
CA PHE B 171 -15.32 -12.99 -10.99
C PHE B 171 -14.20 -11.98 -10.80
N SER B 172 -13.98 -11.13 -11.82
CA SER B 172 -12.77 -10.31 -11.84
C SER B 172 -13.07 -9.06 -11.03
N GLU B 173 -12.04 -8.27 -10.77
CA GLU B 173 -12.27 -6.97 -10.21
C GLU B 173 -13.17 -6.08 -11.10
N GLU B 174 -13.05 -6.16 -12.41
CA GLU B 174 -13.88 -5.37 -13.28
C GLU B 174 -15.33 -5.75 -13.10
N ASP B 175 -15.57 -7.05 -12.92
CA ASP B 175 -16.92 -7.52 -12.58
C ASP B 175 -17.46 -6.95 -11.17
N PHE B 176 -16.61 -6.99 -10.17
CA PHE B 176 -16.95 -6.44 -8.85
C PHE B 176 -17.38 -4.98 -9.06
N ILE B 177 -16.50 -4.21 -9.71
CA ILE B 177 -16.77 -2.79 -9.94
C ILE B 177 -18.06 -2.54 -10.73
N ASN B 178 -18.25 -3.29 -11.80
CA ASN B 178 -19.47 -3.12 -12.57
C ASN B 178 -20.74 -3.37 -11.76
N THR B 179 -20.64 -4.34 -10.86
CA THR B 179 -21.75 -4.67 -10.01
C THR B 179 -22.01 -3.45 -9.08
N TRP B 180 -20.98 -2.84 -8.46
CA TRP B 180 -21.20 -1.61 -7.69
C TRP B 180 -21.83 -0.50 -8.52
N ILE B 181 -21.36 -0.32 -9.76
CA ILE B 181 -21.86 0.74 -10.60
C ILE B 181 -23.37 0.67 -10.78
N GLU B 182 -23.85 -0.54 -11.04
CA GLU B 182 -25.24 -0.86 -11.24
C GLU B 182 -26.11 -0.71 -9.96
N VAL B 183 -25.61 -1.25 -8.85
CA VAL B 183 -26.17 -0.99 -7.50
C VAL B 183 -26.25 0.53 -7.23
N ALA B 184 -25.17 1.24 -7.50
CA ALA B 184 -25.13 2.69 -7.30
C ALA B 184 -26.11 3.47 -8.22
N LYS B 185 -26.20 3.09 -9.48
CA LYS B 185 -27.23 3.67 -10.36
C LYS B 185 -28.64 3.39 -9.83
N ARG B 186 -28.91 2.16 -9.40
CA ARG B 186 -30.26 1.87 -8.95
C ARG B 186 -30.61 2.54 -7.58
N PHE B 187 -29.79 2.28 -6.55
CA PHE B 187 -30.13 2.71 -5.17
C PHE B 187 -29.72 4.14 -4.82
N GLY B 188 -28.99 4.78 -5.75
CA GLY B 188 -28.72 6.16 -5.62
C GLY B 188 -29.95 7.07 -5.60
N LYS B 189 -31.07 6.60 -6.17
CA LYS B 189 -32.31 7.34 -6.26
C LYS B 189 -33.11 7.31 -4.93
N TYR B 190 -32.65 6.53 -3.91
CA TYR B 190 -33.39 6.41 -2.65
C TYR B 190 -32.73 7.39 -1.68
N TRP B 191 -33.47 8.39 -1.20
CA TRP B 191 -32.82 9.48 -0.48
C TRP B 191 -32.00 8.95 0.75
N ASN B 192 -32.54 7.93 1.38
CA ASN B 192 -31.99 7.51 2.69
C ASN B 192 -30.77 6.55 2.55
N VAL B 193 -30.39 6.15 1.30
CA VAL B 193 -29.20 5.28 1.18
C VAL B 193 -27.98 6.18 1.27
N ILE B 194 -27.18 5.96 2.32
CA ILE B 194 -26.11 6.86 2.55
C ILE B 194 -24.85 6.51 1.82
N GLY B 195 -24.77 5.29 1.27
CA GLY B 195 -23.52 4.99 0.61
C GLY B 195 -23.22 3.51 0.57
N ALA B 196 -21.95 3.25 0.28
CA ALA B 196 -21.50 1.94 -0.10
C ALA B 196 -20.39 1.43 0.79
N ASP B 197 -20.60 0.31 1.43
CA ASP B 197 -19.55 -0.37 2.14
C ASP B 197 -18.87 -1.37 1.17
N LEU B 198 -17.68 -0.99 0.71
CA LEU B 198 -17.22 -1.47 -0.63
C LEU B 198 -17.04 -3.04 -0.69
N LYS B 199 -16.41 -3.62 0.32
CA LYS B 199 -16.32 -5.10 0.41
C LYS B 199 -16.31 -5.49 1.84
N ASN B 200 -17.17 -6.45 2.23
CA ASN B 200 -17.11 -6.94 3.62
C ASN B 200 -15.81 -7.69 3.98
N GLU B 201 -15.10 -7.26 5.02
CA GLU B 201 -13.99 -8.01 5.64
C GLU B 201 -13.00 -8.59 4.62
N PRO B 202 -12.28 -7.72 3.94
CA PRO B 202 -11.01 -8.20 3.33
C PRO B 202 -10.17 -8.92 4.37
N HIS B 203 -9.54 -10.06 4.03
CA HIS B 203 -8.74 -10.74 5.08
C HIS B 203 -7.79 -11.74 4.40
N SER B 204 -7.17 -12.60 5.21
CA SER B 204 -6.16 -13.56 4.71
C SER B 204 -6.65 -14.98 4.96
N VAL B 205 -6.10 -15.93 4.17
CA VAL B 205 -6.46 -17.35 4.29
C VAL B 205 -5.17 -18.18 4.58
N THR B 206 -4.06 -17.51 4.85
CA THR B 206 -2.79 -18.12 5.16
C THR B 206 -2.17 -17.24 6.24
N SER B 207 -1.18 -17.80 6.91
CA SER B 207 -0.38 -17.09 7.86
C SER B 207 0.61 -16.14 7.20
N PRO B 208 0.92 -15.04 7.88
CA PRO B 208 2.11 -14.28 7.53
C PRO B 208 3.31 -15.12 7.96
N PRO B 209 4.48 -14.87 7.36
CA PRO B 209 4.72 -13.83 6.32
C PRO B 209 4.16 -14.18 4.97
N ALA B 210 3.83 -15.44 4.74
CA ALA B 210 3.47 -15.75 3.39
C ALA B 210 2.25 -14.97 2.92
N ALA B 211 1.28 -14.70 3.84
CA ALA B 211 0.04 -14.11 3.43
C ALA B 211 0.28 -12.75 2.75
N TYR B 212 1.41 -12.10 3.03
CA TYR B 212 1.67 -10.80 2.42
C TYR B 212 1.91 -10.85 0.91
N THR B 213 2.32 -12.01 0.39
CA THR B 213 2.74 -12.04 -1.01
C THR B 213 2.23 -13.22 -1.73
N ASP B 214 1.54 -14.10 -1.04
CA ASP B 214 1.14 -15.30 -1.73
C ASP B 214 -0.03 -15.02 -2.66
N GLY B 215 -0.60 -13.79 -2.67
CA GLY B 215 -1.71 -13.45 -3.66
C GLY B 215 -3.08 -14.06 -3.35
N THR B 216 -3.18 -14.73 -2.20
CA THR B 216 -4.46 -15.32 -1.79
C THR B 216 -5.29 -14.40 -0.84
N GLY B 217 -4.69 -13.39 -0.26
CA GLY B 217 -5.59 -12.57 0.57
C GLY B 217 -5.27 -11.12 0.40
N ALA B 218 -6.06 -10.33 1.12
CA ALA B 218 -5.87 -8.88 1.13
C ALA B 218 -4.69 -8.38 1.88
N THR B 219 -4.17 -7.28 1.34
CA THR B 219 -3.07 -6.64 2.00
C THR B 219 -3.38 -5.13 2.02
N TRP B 220 -2.48 -4.44 2.65
CA TRP B 220 -2.59 -2.91 2.79
C TRP B 220 -1.21 -2.32 2.91
N GLY B 221 -0.78 -1.62 1.84
CA GLY B 221 0.52 -0.99 1.86
C GLY B 221 1.67 -1.96 1.49
N MET B 222 1.33 -3.13 0.98
CA MET B 222 2.39 -4.17 0.64
C MET B 222 2.97 -3.80 -0.77
N GLY B 223 2.11 -3.22 -1.61
CA GLY B 223 2.57 -2.68 -2.92
C GLY B 223 1.79 -3.16 -4.11
N ASN B 224 1.47 -4.46 -4.14
CA ASN B 224 0.75 -5.04 -5.27
C ASN B 224 -0.69 -4.54 -5.33
N PRO B 225 -1.04 -3.79 -6.38
CA PRO B 225 -2.35 -3.18 -6.35
C PRO B 225 -3.40 -4.20 -6.52
N ALA B 226 -3.03 -5.41 -6.93
CA ALA B 226 -4.00 -6.49 -7.04
C ALA B 226 -4.33 -7.16 -5.66
N THR B 227 -3.55 -6.89 -4.63
CA THR B 227 -3.93 -7.41 -3.29
C THR B 227 -4.13 -6.27 -2.28
N ASP B 228 -3.57 -5.10 -2.58
CA ASP B 228 -3.63 -3.97 -1.67
C ASP B 228 -5.04 -3.34 -1.64
N TRP B 229 -5.77 -3.61 -0.55
CA TRP B 229 -7.13 -3.16 -0.45
C TRP B 229 -7.11 -1.60 -0.38
N ASN B 230 -6.09 -0.98 0.13
CA ASN B 230 -6.09 0.53 0.09
C ASN B 230 -6.11 1.07 -1.38
N LEU B 231 -5.51 0.33 -2.30
CA LEU B 231 -5.52 0.74 -3.73
C LEU B 231 -6.77 0.33 -4.42
N ALA B 232 -7.22 -0.88 -4.14
CA ALA B 232 -8.45 -1.38 -4.68
C ALA B 232 -9.65 -0.43 -4.27
N ALA B 233 -9.66 0.00 -3.00
CA ALA B 233 -10.83 0.77 -2.48
C ALA B 233 -10.89 2.09 -3.28
N GLU B 234 -9.73 2.63 -3.64
CA GLU B 234 -9.69 3.85 -4.48
C GLU B 234 -10.26 3.61 -5.86
N ARG B 235 -9.90 2.46 -6.49
CA ARG B 235 -10.46 2.07 -7.77
C ARG B 235 -11.99 1.83 -7.76
N ILE B 236 -12.48 1.09 -6.76
CA ILE B 236 -13.88 0.83 -6.65
C ILE B 236 -14.69 2.11 -6.28
N GLY B 237 -14.14 2.85 -5.34
CA GLY B 237 -14.72 4.12 -4.75
C GLY B 237 -14.90 5.12 -5.86
N LYS B 238 -13.90 5.24 -6.72
CA LYS B 238 -13.93 6.32 -7.76
C LYS B 238 -15.04 6.00 -8.71
N ALA B 239 -15.17 4.71 -9.00
CA ALA B 239 -16.19 4.27 -9.91
C ALA B 239 -17.61 4.52 -9.39
N ILE B 240 -17.84 4.27 -8.10
CA ILE B 240 -19.09 4.55 -7.47
C ILE B 240 -19.38 6.08 -7.44
N LEU B 241 -18.38 6.88 -7.13
CA LEU B 241 -18.61 8.34 -6.91
C LEU B 241 -18.94 9.02 -8.24
N LYS B 242 -18.50 8.44 -9.35
CA LYS B 242 -18.92 8.87 -10.71
C LYS B 242 -20.41 8.78 -10.96
N VAL B 243 -21.04 7.69 -10.53
CA VAL B 243 -22.47 7.52 -10.67
C VAL B 243 -23.35 7.95 -9.45
N ALA B 244 -22.79 7.95 -8.24
CA ALA B 244 -23.52 8.35 -7.04
C ALA B 244 -22.63 9.31 -6.29
N PRO B 245 -22.45 10.54 -6.86
CA PRO B 245 -21.63 11.52 -6.22
C PRO B 245 -22.04 11.96 -4.83
N HIS B 246 -23.29 11.69 -4.46
CA HIS B 246 -23.84 12.11 -3.19
C HIS B 246 -23.61 11.05 -2.10
N TRP B 247 -23.12 9.86 -2.50
CA TRP B 247 -22.89 8.79 -1.48
C TRP B 247 -21.61 8.93 -0.68
N LEU B 248 -21.59 8.24 0.48
CA LEU B 248 -20.36 8.04 1.23
C LEU B 248 -19.74 6.70 0.81
N ILE B 249 -18.44 6.60 0.98
CA ILE B 249 -17.71 5.32 0.60
C ILE B 249 -17.17 4.80 1.92
N PHE B 250 -17.67 3.63 2.38
CA PHE B 250 -17.25 3.05 3.67
C PHE B 250 -16.19 1.98 3.37
N VAL B 251 -15.04 2.10 3.93
CA VAL B 251 -13.87 1.24 3.64
C VAL B 251 -13.48 0.55 4.91
N GLU B 252 -13.61 -0.77 4.93
CA GLU B 252 -13.23 -1.56 6.09
C GLU B 252 -11.71 -1.82 6.15
N GLY B 253 -11.24 -2.33 7.30
CA GLY B 253 -9.87 -2.76 7.41
C GLY B 253 -9.63 -4.09 6.74
N THR B 254 -8.41 -4.51 6.69
CA THR B 254 -8.12 -5.92 6.16
C THR B 254 -7.83 -6.71 7.47
N GLN B 255 -7.21 -7.91 7.40
CA GLN B 255 -6.74 -8.62 8.60
C GLN B 255 -5.25 -8.36 8.92
N PHE B 256 -4.44 -8.52 7.84
CA PHE B 256 -3.04 -8.16 7.84
C PHE B 256 -2.81 -7.07 6.79
N THR B 257 -1.80 -6.28 6.99
CA THR B 257 -1.64 -5.11 6.12
C THR B 257 -0.31 -5.32 5.36
N ASN B 258 0.77 -5.04 6.01
CA ASN B 258 2.16 -5.29 5.54
C ASN B 258 2.97 -5.60 6.78
N PRO B 259 4.13 -6.26 6.61
CA PRO B 259 4.81 -6.71 7.87
C PRO B 259 5.36 -5.61 8.73
N LYS B 260 5.74 -4.47 8.15
CA LYS B 260 6.28 -3.43 8.98
C LYS B 260 5.19 -2.85 9.90
N THR B 261 4.04 -2.57 9.29
CA THR B 261 2.87 -2.08 10.09
C THR B 261 2.44 -3.18 11.11
N ASP B 262 2.21 -4.41 10.69
CA ASP B 262 1.69 -5.39 11.65
C ASP B 262 2.68 -5.71 12.76
N SER B 263 4.00 -5.65 12.49
CA SER B 263 4.98 -5.87 13.54
C SER B 263 5.12 -4.66 14.42
N SER B 264 4.54 -3.54 14.03
CA SER B 264 4.72 -2.32 14.85
C SER B 264 4.01 -2.37 16.24
N TYR B 265 3.11 -3.31 16.46
CA TYR B 265 2.26 -3.29 17.62
C TYR B 265 2.19 -4.74 18.13
N LYS B 266 2.21 -4.93 19.45
CA LYS B 266 2.20 -6.30 20.00
C LYS B 266 1.06 -7.18 19.58
N TRP B 267 -0.11 -6.61 19.33
CA TRP B 267 -1.27 -7.38 18.91
C TRP B 267 -1.58 -7.09 17.46
N GLY B 268 -0.55 -6.64 16.73
CA GLY B 268 -0.70 -6.37 15.29
C GLY B 268 -1.11 -7.52 14.40
N TYR B 269 -0.79 -8.75 14.80
CA TYR B 269 -1.19 -9.91 14.03
C TYR B 269 -2.48 -10.57 14.52
N ASN B 270 -3.17 -9.92 15.45
CA ASN B 270 -4.40 -10.48 16.04
C ASN B 270 -5.62 -9.57 15.83
N ALA B 271 -5.70 -8.88 14.67
CA ALA B 271 -6.92 -8.10 14.37
C ALA B 271 -7.93 -8.98 13.70
N TRP B 272 -9.20 -8.59 13.74
CA TRP B 272 -10.31 -9.26 13.08
C TRP B 272 -10.24 -9.08 11.63
N TRP B 273 -10.84 -9.98 10.88
CA TRP B 273 -11.10 -9.60 9.53
C TRP B 273 -11.91 -8.27 9.46
N GLY B 274 -11.52 -7.39 8.53
CA GLY B 274 -12.14 -6.07 8.38
C GLY B 274 -11.76 -5.18 9.52
N GLY B 275 -10.82 -5.55 10.39
CA GLY B 275 -10.61 -4.89 11.64
C GLY B 275 -9.28 -4.14 11.81
N ASN B 276 -8.34 -4.37 10.89
CA ASN B 276 -7.04 -3.88 11.01
C ASN B 276 -7.01 -2.58 10.16
N LEU B 277 -6.99 -1.43 10.85
CA LEU B 277 -6.87 -0.13 10.15
C LEU B 277 -5.56 0.49 10.54
N MET B 278 -4.57 -0.33 10.99
CA MET B 278 -3.29 0.19 11.41
C MET B 278 -2.48 0.84 10.22
N ALA B 279 -2.80 0.46 8.99
CA ALA B 279 -2.06 1.00 7.82
C ALA B 279 -2.73 2.26 7.28
N VAL B 280 -3.85 2.74 7.86
CA VAL B 280 -4.44 4.02 7.35
C VAL B 280 -3.47 5.22 7.51
N LYS B 281 -2.72 5.29 8.61
CA LYS B 281 -1.86 6.45 8.86
C LYS B 281 -0.85 6.64 7.71
N ASP B 282 -0.16 5.57 7.31
CA ASP B 282 0.95 5.72 6.33
C ASP B 282 0.46 5.34 4.94
N TYR B 283 -0.72 4.71 4.85
CA TYR B 283 -1.27 4.30 3.59
C TYR B 283 -2.75 4.66 3.42
N PRO B 284 -3.07 5.96 3.55
CA PRO B 284 -4.49 6.34 3.47
C PRO B 284 -5.06 6.00 2.12
N VAL B 285 -6.35 5.69 2.08
CA VAL B 285 -7.04 5.43 0.83
C VAL B 285 -7.06 6.79 0.07
N ASN B 286 -6.68 6.79 -1.17
CA ASN B 286 -6.69 8.09 -1.94
C ASN B 286 -8.05 8.37 -2.55
N LEU B 287 -8.94 8.88 -1.67
CA LEU B 287 -10.32 9.32 -2.06
C LEU B 287 -10.59 10.62 -1.32
N PRO B 288 -11.57 11.41 -1.78
CA PRO B 288 -11.90 12.69 -1.07
C PRO B 288 -12.27 12.43 0.41
N ARG B 289 -11.62 13.12 1.33
CA ARG B 289 -11.89 12.95 2.74
C ARG B 289 -13.38 13.19 3.11
N ASN B 290 -14.02 14.14 2.42
CA ASN B 290 -15.43 14.42 2.71
C ASN B 290 -16.42 13.33 2.23
N LYS B 291 -15.90 12.38 1.49
CA LYS B 291 -16.66 11.24 1.07
C LYS B 291 -16.28 9.90 1.71
N LEU B 292 -15.28 9.89 2.57
CA LEU B 292 -14.72 8.63 3.08
C LEU B 292 -15.09 8.36 4.51
N VAL B 293 -15.52 7.11 4.80
CA VAL B 293 -15.72 6.67 6.16
C VAL B 293 -14.92 5.35 6.29
N TYR B 294 -14.06 5.34 7.32
CA TYR B 294 -13.34 4.11 7.67
C TYR B 294 -14.27 3.32 8.59
N SER B 295 -14.35 2.05 8.29
CA SER B 295 -15.33 1.22 8.96
C SER B 295 -14.82 -0.13 9.52
N PRO B 296 -14.21 -0.15 10.65
CA PRO B 296 -13.59 -1.35 11.23
C PRO B 296 -14.67 -2.24 11.82
N HIS B 297 -14.37 -3.56 11.85
CA HIS B 297 -15.18 -4.51 12.60
C HIS B 297 -14.42 -4.92 13.83
N VAL B 298 -15.12 -5.22 14.94
CA VAL B 298 -14.48 -5.58 16.17
C VAL B 298 -15.41 -6.56 16.91
N PHE B 299 -14.82 -7.61 17.47
CA PHE B 299 -15.65 -8.66 18.13
C PHE B 299 -15.03 -9.11 19.43
N GLY B 300 -15.81 -9.96 20.16
CA GLY B 300 -15.41 -10.47 21.47
C GLY B 300 -15.13 -11.95 21.45
N PRO B 301 -15.17 -12.57 22.63
CA PRO B 301 -14.62 -13.95 22.78
C PRO B 301 -15.56 -14.97 22.14
N ASP B 302 -16.79 -14.57 21.85
CA ASP B 302 -17.67 -15.45 21.14
C ASP B 302 -17.31 -15.68 19.72
N VAL B 303 -16.52 -14.78 19.13
CA VAL B 303 -16.22 -14.99 17.70
C VAL B 303 -14.85 -15.63 17.56
N TYR B 304 -13.91 -15.26 18.42
CA TYR B 304 -12.61 -15.92 18.41
C TYR B 304 -12.00 -15.70 19.73
N ASN B 305 -11.35 -16.74 20.27
CA ASN B 305 -10.69 -16.66 21.52
C ASN B 305 -9.35 -16.04 21.28
N GLN B 306 -9.36 -14.70 21.18
CA GLN B 306 -8.17 -13.92 21.01
C GLN B 306 -7.30 -14.03 22.24
N PRO B 307 -6.00 -14.02 22.02
CA PRO B 307 -5.15 -14.23 23.17
C PRO B 307 -5.29 -13.11 24.19
N TYR B 308 -5.68 -11.94 23.71
CA TYR B 308 -5.75 -10.81 24.66
C TYR B 308 -7.11 -10.85 25.42
N PHE B 309 -7.95 -11.84 25.14
CA PHE B 309 -9.15 -12.03 25.99
C PHE B 309 -8.82 -12.83 27.25
N GLY B 310 -7.59 -13.30 27.41
CA GLY B 310 -7.25 -14.01 28.65
C GLY B 310 -6.95 -13.02 29.71
N PRO B 311 -7.52 -13.18 30.91
CA PRO B 311 -7.09 -12.41 31.99
C PRO B 311 -5.56 -12.44 32.15
N ALA B 312 -4.90 -13.53 31.79
CA ALA B 312 -3.44 -13.64 31.95
C ALA B 312 -2.74 -12.59 31.13
N LYS B 313 -3.42 -12.25 30.04
CA LYS B 313 -2.85 -11.29 29.08
C LYS B 313 -3.50 -9.90 29.14
N GLY B 314 -4.17 -9.60 30.27
CA GLY B 314 -4.62 -8.24 30.72
C GLY B 314 -6.11 -7.93 30.46
N PHE B 315 -6.88 -8.92 29.97
CA PHE B 315 -8.35 -8.67 29.80
C PHE B 315 -9.08 -8.37 31.11
N PRO B 316 -10.08 -7.43 31.13
CA PRO B 316 -10.56 -6.57 30.02
C PRO B 316 -9.92 -5.18 29.97
N ASP B 317 -9.11 -4.82 30.96
CA ASP B 317 -8.56 -3.49 31.00
C ASP B 317 -7.58 -3.16 29.87
N ASN B 318 -7.08 -4.21 29.20
CA ASN B 318 -6.19 -4.11 28.05
C ASN B 318 -6.94 -3.70 26.76
N LEU B 319 -8.28 -3.72 26.79
CA LEU B 319 -9.01 -3.54 25.54
C LEU B 319 -8.96 -2.14 24.94
N PRO B 320 -9.08 -1.06 25.76
CA PRO B 320 -9.08 0.23 25.08
C PRO B 320 -7.81 0.49 24.25
N ASP B 321 -6.67 0.01 24.73
CA ASP B 321 -5.46 0.19 23.97
C ASP B 321 -5.40 -0.64 22.69
N ILE B 322 -5.95 -1.84 22.74
CA ILE B 322 -6.02 -2.70 21.54
C ILE B 322 -6.93 -2.04 20.50
N TRP B 323 -8.11 -1.60 20.95
CA TRP B 323 -9.05 -1.00 20.00
C TRP B 323 -8.48 0.29 19.44
N TYR B 324 -7.82 1.04 20.27
CA TYR B 324 -7.25 2.27 19.80
C TYR B 324 -6.18 2.04 18.69
N HIS B 325 -5.34 1.01 18.91
CA HIS B 325 -4.31 0.69 17.93
C HIS B 325 -4.85 0.15 16.68
N HIS B 326 -5.81 -0.79 16.75
CA HIS B 326 -6.28 -1.37 15.56
C HIS B 326 -7.13 -0.39 14.72
N PHE B 327 -7.90 0.51 15.38
CA PHE B 327 -8.69 1.38 14.60
C PHE B 327 -9.08 2.69 15.23
N GLY B 328 -9.15 2.76 16.57
CA GLY B 328 -9.74 3.96 17.22
C GLY B 328 -8.94 5.22 16.88
N TYR B 329 -7.63 5.07 16.71
CA TYR B 329 -6.72 6.25 16.42
C TYR B 329 -7.15 6.88 15.06
N VAL B 330 -7.83 6.16 14.18
CA VAL B 330 -8.20 6.71 12.90
C VAL B 330 -9.17 7.90 13.07
N LYS B 331 -9.99 7.84 14.12
CA LYS B 331 -10.85 8.98 14.44
C LYS B 331 -10.10 9.87 15.44
N LEU B 332 -9.57 9.25 16.48
CA LEU B 332 -9.09 10.04 17.65
C LEU B 332 -7.83 10.81 17.37
N GLU B 333 -6.98 10.26 16.52
CA GLU B 333 -5.76 10.92 16.10
C GLU B 333 -5.88 11.48 14.67
N LEU B 334 -6.41 10.72 13.70
CA LEU B 334 -6.38 11.18 12.30
C LEU B 334 -7.63 12.01 11.88
N GLY B 335 -8.65 12.06 12.76
CA GLY B 335 -9.92 12.76 12.44
C GLY B 335 -10.73 12.38 11.24
N TYR B 336 -10.63 11.10 10.85
CA TYR B 336 -11.54 10.65 9.82
C TYR B 336 -12.83 10.16 10.45
N SER B 337 -13.92 10.09 9.72
CA SER B 337 -15.13 9.50 10.25
C SER B 337 -14.80 7.98 10.43
N VAL B 338 -15.16 7.41 11.56
CA VAL B 338 -15.01 5.97 11.82
C VAL B 338 -16.36 5.45 12.32
N VAL B 339 -16.91 4.51 11.59
CA VAL B 339 -18.20 3.89 11.93
C VAL B 339 -17.91 2.44 12.21
N ILE B 340 -18.22 1.95 13.40
CA ILE B 340 -18.03 0.50 13.63
C ILE B 340 -19.08 -0.28 12.88
N GLY B 341 -18.64 -1.02 11.85
CA GLY B 341 -19.57 -1.60 10.93
C GLY B 341 -20.21 -2.93 11.38
N GLU B 342 -19.52 -3.62 12.28
CA GLU B 342 -20.03 -4.84 12.93
C GLU B 342 -19.34 -5.03 14.24
N PHE B 343 -20.15 -5.25 15.28
CA PHE B 343 -19.65 -5.76 16.55
C PHE B 343 -20.85 -6.42 17.25
N GLY B 344 -20.54 -7.38 18.11
CA GLY B 344 -21.62 -8.05 18.83
C GLY B 344 -21.15 -9.31 19.44
N GLY B 345 -22.08 -10.03 20.08
CA GLY B 345 -21.62 -11.19 20.83
C GLY B 345 -22.87 -11.68 21.60
N LYS B 346 -22.78 -12.90 22.18
CA LYS B 346 -23.99 -13.51 22.81
C LYS B 346 -24.32 -12.96 24.15
N TYR B 347 -23.42 -12.14 24.72
CA TYR B 347 -23.68 -11.43 25.99
C TYR B 347 -24.03 -12.41 27.16
N GLY B 348 -23.36 -13.58 27.16
CA GLY B 348 -23.45 -14.56 28.25
C GLY B 348 -24.63 -15.50 28.08
N HIS B 349 -25.36 -15.39 26.98
CA HIS B 349 -26.49 -16.30 26.60
C HIS B 349 -26.05 -17.45 25.70
N GLY B 350 -25.65 -18.54 26.37
CA GLY B 350 -25.11 -19.71 25.66
C GLY B 350 -23.77 -19.51 24.98
N GLY B 351 -22.98 -18.52 25.42
CA GLY B 351 -21.62 -18.37 24.88
C GLY B 351 -20.67 -18.15 26.03
N ASP B 352 -19.56 -17.50 25.76
CA ASP B 352 -18.50 -17.34 26.75
C ASP B 352 -18.95 -16.16 27.63
N PRO B 353 -19.11 -16.37 28.95
CA PRO B 353 -19.67 -15.26 29.73
C PRO B 353 -18.74 -14.04 29.79
N ARG B 354 -17.47 -14.21 29.42
CA ARG B 354 -16.62 -13.02 29.26
C ARG B 354 -17.18 -12.00 28.23
N ASP B 355 -18.05 -12.42 27.34
CA ASP B 355 -18.59 -11.47 26.35
C ASP B 355 -19.40 -10.33 27.01
N VAL B 356 -19.99 -10.60 28.18
CA VAL B 356 -20.77 -9.53 28.84
C VAL B 356 -19.80 -8.45 29.20
N ILE B 357 -18.69 -8.88 29.81
CA ILE B 357 -17.63 -7.95 30.18
C ILE B 357 -17.10 -7.22 28.95
N TRP B 358 -16.88 -7.96 27.86
CA TRP B 358 -16.37 -7.38 26.63
C TRP B 358 -17.34 -6.29 26.08
N GLN B 359 -18.63 -6.57 25.97
CA GLN B 359 -19.55 -5.63 25.32
C GLN B 359 -19.70 -4.42 26.23
N ASN B 360 -19.80 -4.70 27.52
CA ASN B 360 -19.88 -3.52 28.48
C ASN B 360 -18.68 -2.63 28.30
N LYS B 361 -17.48 -3.23 28.22
CA LYS B 361 -16.27 -2.41 28.16
C LYS B 361 -16.25 -1.71 26.80
N LEU B 362 -16.69 -2.37 25.72
CA LEU B 362 -16.64 -1.68 24.41
C LEU B 362 -17.60 -0.47 24.36
N VAL B 363 -18.80 -0.61 24.95
CA VAL B 363 -19.80 0.43 24.87
C VAL B 363 -19.26 1.55 25.78
N ASP B 364 -18.68 1.17 26.90
CA ASP B 364 -18.13 2.22 27.77
C ASP B 364 -17.13 3.01 26.96
N TRP B 365 -16.26 2.32 26.25
CA TRP B 365 -15.17 3.00 25.48
C TRP B 365 -15.74 3.80 24.31
N MET B 366 -16.80 3.27 23.65
CA MET B 366 -17.41 4.05 22.59
C MET B 366 -18.04 5.36 23.10
N ILE B 367 -18.69 5.28 24.26
CA ILE B 367 -19.30 6.47 24.85
C ILE B 367 -18.21 7.46 25.22
N GLU B 368 -17.16 7.01 25.91
CA GLU B 368 -16.08 7.90 26.38
C GLU B 368 -15.43 8.62 25.24
N ASN B 369 -15.27 7.93 24.10
CA ASN B 369 -14.54 8.41 22.94
C ASN B 369 -15.38 8.95 21.82
N LYS B 370 -16.69 9.00 22.06
CA LYS B 370 -17.65 9.57 21.16
C LYS B 370 -17.66 8.83 19.86
N PHE B 371 -17.62 7.49 19.91
CA PHE B 371 -17.91 6.79 18.72
C PHE B 371 -19.40 6.56 18.72
N CYS B 372 -20.19 7.44 18.10
CA CYS B 372 -21.62 7.33 18.21
C CYS B 372 -22.23 6.67 17.00
N ASP B 373 -21.41 6.23 16.02
CA ASP B 373 -21.97 5.71 14.77
C ASP B 373 -21.57 4.23 14.71
N PHE B 374 -22.54 3.32 14.50
CA PHE B 374 -22.22 1.89 14.64
C PHE B 374 -23.31 1.11 14.05
N PHE B 375 -22.99 -0.15 13.67
CA PHE B 375 -24.04 -1.13 13.32
C PHE B 375 -23.79 -2.42 14.08
N TYR B 376 -24.76 -2.81 14.89
CA TYR B 376 -24.62 -3.94 15.78
C TYR B 376 -24.72 -5.19 14.90
N TRP B 377 -23.94 -6.16 15.23
CA TRP B 377 -24.09 -7.48 14.57
C TRP B 377 -24.71 -8.49 15.54
N SER B 378 -25.97 -8.92 15.32
CA SER B 378 -26.87 -8.47 14.29
C SER B 378 -28.23 -8.28 14.89
N TRP B 379 -29.15 -7.72 14.13
CA TRP B 379 -30.54 -7.79 14.52
C TRP B 379 -30.94 -9.34 14.64
N ASN B 380 -30.59 -10.10 13.59
CA ASN B 380 -30.88 -11.53 13.52
C ASN B 380 -30.39 -12.28 14.73
N PRO B 381 -31.18 -13.27 15.25
CA PRO B 381 -30.61 -14.19 16.24
C PRO B 381 -29.76 -15.33 15.60
N ASP B 382 -29.98 -15.60 14.32
CA ASP B 382 -29.30 -16.77 13.64
C ASP B 382 -27.85 -16.50 13.18
N SER B 383 -27.08 -15.80 14.00
CA SER B 383 -25.68 -15.67 13.82
C SER B 383 -25.07 -16.60 14.83
N GLY B 384 -24.38 -17.64 14.34
CA GLY B 384 -24.09 -18.79 15.17
C GLY B 384 -23.11 -18.52 16.29
N ASP B 385 -22.20 -17.57 16.07
CA ASP B 385 -21.24 -17.23 17.10
C ASP B 385 -21.62 -15.97 17.89
N THR B 386 -22.57 -15.17 17.45
CA THR B 386 -22.85 -13.91 18.22
C THR B 386 -24.29 -13.81 18.74
N GLY B 387 -25.20 -14.55 18.15
CA GLY B 387 -26.63 -14.35 18.41
C GLY B 387 -26.91 -12.93 17.87
N GLY B 388 -27.99 -12.37 18.35
CA GLY B 388 -28.37 -11.03 17.88
C GLY B 388 -29.15 -10.28 18.94
N ILE B 389 -29.81 -9.20 18.49
CA ILE B 389 -30.65 -8.40 19.42
C ILE B 389 -31.86 -9.27 19.77
N LEU B 390 -32.43 -9.84 18.73
CA LEU B 390 -33.54 -10.72 18.93
C LEU B 390 -33.09 -12.06 19.47
N GLN B 391 -33.98 -12.68 20.27
CA GLN B 391 -33.79 -14.06 20.69
C GLN B 391 -34.20 -15.02 19.57
N ASP B 392 -33.99 -16.32 19.80
CA ASP B 392 -34.21 -17.32 18.74
C ASP B 392 -35.65 -17.36 18.28
N ASP B 393 -36.59 -16.86 19.11
CA ASP B 393 -38.00 -16.75 18.70
C ASP B 393 -38.25 -15.66 17.67
N TRP B 394 -37.20 -14.93 17.28
CA TRP B 394 -37.33 -13.84 16.30
C TRP B 394 -38.30 -12.70 16.67
N THR B 395 -38.65 -12.58 17.97
CA THR B 395 -39.71 -11.70 18.44
C THR B 395 -39.36 -10.92 19.70
N THR B 396 -38.75 -11.59 20.67
CA THR B 396 -38.40 -10.93 21.90
C THR B 396 -36.93 -10.56 21.85
N ILE B 397 -36.55 -9.51 22.58
CA ILE B 397 -35.15 -9.14 22.51
C ILE B 397 -34.48 -9.70 23.77
N TRP B 398 -33.16 -9.80 23.73
CA TRP B 398 -32.37 -10.01 24.94
C TRP B 398 -32.30 -8.67 25.67
N GLU B 399 -33.06 -8.56 26.76
CA GLU B 399 -33.14 -7.26 27.44
C GLU B 399 -31.78 -6.72 27.85
N ASP B 400 -30.96 -7.60 28.44
CA ASP B 400 -29.71 -7.16 29.02
C ASP B 400 -28.72 -6.74 27.92
N LYS B 401 -28.71 -7.48 26.80
CA LYS B 401 -27.75 -7.17 25.76
C LYS B 401 -28.20 -5.79 25.22
N TYR B 402 -29.51 -5.61 25.00
CA TYR B 402 -29.99 -4.34 24.43
C TYR B 402 -29.79 -3.19 25.43
N ASN B 403 -30.01 -3.48 26.69
CA ASN B 403 -29.94 -2.41 27.71
C ASN B 403 -28.54 -1.80 27.66
N ASN B 404 -27.57 -2.68 27.51
CA ASN B 404 -26.18 -2.26 27.40
C ASN B 404 -25.97 -1.41 26.14
N LEU B 405 -26.46 -1.88 25.01
CA LEU B 405 -26.28 -1.14 23.77
C LEU B 405 -26.97 0.20 23.74
N LYS B 406 -28.16 0.28 24.39
CA LYS B 406 -29.01 1.46 24.47
C LYS B 406 -28.29 2.62 25.16
N ARG B 407 -27.30 2.31 25.98
CA ARG B 407 -26.43 3.40 26.53
C ARG B 407 -25.77 4.29 25.45
N LEU B 408 -25.48 3.74 24.25
CA LEU B 408 -24.95 4.50 23.12
C LEU B 408 -25.99 5.35 22.45
N MET B 409 -27.24 5.06 22.69
CA MET B 409 -28.21 5.76 22.03
C MET B 409 -28.54 6.93 22.98
N ASP B 410 -28.38 6.73 24.29
CA ASP B 410 -28.77 7.74 25.31
C ASP B 410 -27.61 8.67 25.69
N GLN C 34 -14.36 33.18 13.74
CA GLN C 34 -13.80 32.00 14.48
C GLN C 34 -13.02 31.16 13.45
N THR C 35 -13.72 30.61 12.45
CA THR C 35 -13.12 29.77 11.38
C THR C 35 -14.04 29.49 10.17
N PRO C 36 -13.57 29.80 8.92
CA PRO C 36 -14.36 29.50 7.74
C PRO C 36 -14.43 28.00 7.43
N THR C 37 -13.64 27.16 8.12
CA THR C 37 -13.61 25.68 7.82
C THR C 37 -14.22 24.78 8.90
N GLY C 38 -14.30 25.28 10.11
CA GLY C 38 -14.82 24.51 11.21
C GLY C 38 -13.67 24.07 12.07
N ILE C 39 -12.45 24.22 11.54
CA ILE C 39 -11.26 23.81 12.29
C ILE C 39 -10.52 25.06 12.70
N TYR C 40 -9.95 25.03 13.87
CA TYR C 40 -9.30 26.19 14.44
C TYR C 40 -8.04 25.60 15.01
N TYR C 41 -6.87 26.17 14.65
CA TYR C 41 -5.59 25.77 15.24
C TYR C 41 -5.15 26.74 16.32
N GLU C 42 -4.54 26.21 17.36
CA GLU C 42 -4.02 27.06 18.39
C GLU C 42 -2.93 26.34 19.13
N VAL C 43 -2.15 27.14 19.85
CA VAL C 43 -1.11 26.63 20.68
C VAL C 43 -1.59 26.70 22.13
N ARG C 44 -1.37 25.62 22.88
CA ARG C 44 -1.51 25.68 24.34
C ARG C 44 -0.24 25.11 24.94
N GLY C 45 0.35 25.87 25.86
CA GLY C 45 1.63 25.48 26.42
C GLY C 45 2.56 25.60 25.21
N ASP C 46 3.36 24.57 24.97
CA ASP C 46 4.16 24.52 23.74
C ASP C 46 3.63 23.54 22.71
N THR C 47 2.39 23.10 22.85
CA THR C 47 1.89 22.18 21.85
C THR C 47 0.76 22.76 21.02
N ILE C 48 0.73 22.36 19.75
CA ILE C 48 -0.24 22.77 18.76
C ILE C 48 -1.41 21.82 18.88
N TYR C 49 -2.60 22.39 18.84
CA TYR C 49 -3.85 21.67 18.87
C TYR C 49 -4.66 22.03 17.70
N MET C 50 -5.43 21.05 17.27
CA MET C 50 -6.42 21.25 16.27
C MET C 50 -7.78 21.12 17.00
N ILE C 51 -8.70 22.06 16.75
CA ILE C 51 -10.02 22.08 17.42
C ILE C 51 -11.09 22.08 16.38
N ASN C 52 -12.00 21.10 16.46
CA ASN C 52 -13.21 21.15 15.66
C ASN C 52 -14.18 21.98 16.49
N VAL C 53 -14.50 23.19 16.02
CA VAL C 53 -15.28 24.13 16.82
C VAL C 53 -16.78 23.79 16.87
N THR C 54 -17.26 23.01 15.90
CA THR C 54 -18.67 22.66 15.81
C THR C 54 -18.91 21.48 16.74
N SER C 55 -18.02 20.52 16.66
CA SER C 55 -18.15 19.33 17.48
C SER C 55 -17.53 19.52 18.88
N GLY C 56 -16.65 20.49 19.06
CA GLY C 56 -15.86 20.57 20.33
C GLY C 56 -14.69 19.59 20.52
N GLU C 57 -14.48 18.64 19.61
CA GLU C 57 -13.32 17.74 19.68
C GLU C 57 -12.00 18.51 19.55
N GLU C 58 -10.99 18.10 20.30
N GLU C 58 -11.02 18.08 20.36
CA GLU C 58 -9.70 18.72 20.14
CA GLU C 58 -9.68 18.67 20.46
C GLU C 58 -8.53 17.82 20.48
C GLU C 58 -8.69 17.54 20.26
N THR C 59 -7.59 17.78 19.54
CA THR C 59 -6.50 16.82 19.53
C THR C 59 -5.17 17.56 19.50
N PRO C 60 -4.22 17.21 20.39
CA PRO C 60 -2.86 17.74 20.14
C PRO C 60 -2.35 17.15 18.83
N ILE C 61 -1.62 17.94 18.05
CA ILE C 61 -1.02 17.38 16.82
C ILE C 61 0.52 17.51 16.85
N HIS C 62 1.19 16.66 16.10
CA HIS C 62 2.63 16.80 15.91
C HIS C 62 2.80 17.02 14.41
N LEU C 63 3.94 17.59 14.02
CA LEU C 63 4.20 17.86 12.59
C LEU C 63 5.48 17.18 12.24
N PHE C 64 5.37 16.06 11.53
CA PHE C 64 6.55 15.33 11.08
C PHE C 64 6.61 15.74 9.60
N GLY C 65 7.40 16.75 9.28
CA GLY C 65 7.17 17.48 8.03
C GLY C 65 8.36 17.35 7.11
N VAL C 66 8.07 17.63 5.85
CA VAL C 66 9.10 17.84 4.82
C VAL C 66 8.78 19.15 4.06
N ASN C 67 9.81 19.77 3.47
CA ASN C 67 9.62 20.89 2.54
C ASN C 67 9.62 20.35 1.13
N TRP C 68 8.61 20.70 0.34
CA TRP C 68 8.55 20.26 -1.05
C TRP C 68 8.52 21.57 -1.87
N PHE C 69 9.69 21.89 -2.44
CA PHE C 69 9.86 23.26 -3.01
C PHE C 69 9.74 23.30 -4.50
N GLY C 70 9.49 24.50 -5.02
CA GLY C 70 9.26 24.64 -6.50
C GLY C 70 8.38 25.85 -6.83
N PHE C 71 7.32 26.07 -6.06
CA PHE C 71 6.41 27.16 -6.38
C PHE C 71 7.07 28.51 -6.21
N GLU C 72 8.24 28.53 -5.58
CA GLU C 72 8.95 29.77 -5.35
C GLU C 72 10.03 30.01 -6.42
N THR C 73 10.15 29.08 -7.37
CA THR C 73 11.20 29.17 -8.35
C THR C 73 10.55 29.50 -9.70
N PRO C 74 11.39 29.72 -10.74
CA PRO C 74 10.79 30.12 -12.02
C PRO C 74 9.96 29.03 -12.64
N ASN C 75 10.01 27.81 -12.03
CA ASN C 75 9.09 26.73 -12.45
C ASN C 75 7.64 27.05 -12.07
N HIS C 76 7.46 27.84 -11.02
CA HIS C 76 6.13 28.14 -10.41
C HIS C 76 5.29 26.85 -10.20
N VAL C 77 6.02 25.81 -9.77
CA VAL C 77 5.40 24.52 -9.40
C VAL C 77 6.41 23.70 -8.60
N VAL C 78 5.96 22.92 -7.59
CA VAL C 78 6.84 21.92 -6.96
C VAL C 78 7.65 21.16 -8.04
N HIS C 79 8.88 20.92 -7.74
CA HIS C 79 9.81 20.25 -8.63
C HIS C 79 9.59 18.75 -8.59
N GLY C 80 10.01 18.07 -9.66
CA GLY C 80 10.07 16.59 -9.71
C GLY C 80 8.99 16.09 -10.60
N LEU C 81 8.13 16.99 -11.06
CA LEU C 81 6.98 16.48 -11.87
C LEU C 81 7.37 16.16 -13.32
N TRP C 82 8.61 16.42 -13.67
CA TRP C 82 9.21 15.96 -14.94
C TRP C 82 9.55 14.46 -14.83
N LYS C 83 9.57 13.97 -13.58
CA LYS C 83 10.02 12.57 -13.29
C LYS C 83 8.97 11.75 -12.55
N ARG C 84 8.07 12.42 -11.84
CA ARG C 84 7.13 11.76 -10.92
C ARG C 84 5.73 12.27 -11.09
N ASN C 85 4.78 11.45 -10.70
CA ASN C 85 3.44 11.93 -10.57
C ASN C 85 3.23 12.57 -9.21
N TRP C 86 2.48 13.69 -9.20
CA TRP C 86 2.34 14.49 -8.02
C TRP C 86 1.57 13.79 -6.85
N GLU C 87 0.53 13.07 -7.20
CA GLU C 87 -0.21 12.26 -6.19
C GLU C 87 0.66 11.13 -5.61
N ASP C 88 1.39 10.46 -6.47
CA ASP C 88 2.32 9.44 -6.03
C ASP C 88 3.41 9.94 -5.12
N MET C 89 3.88 11.21 -5.32
CA MET C 89 4.77 11.86 -4.38
C MET C 89 4.15 12.03 -3.04
N LEU C 90 2.91 12.50 -2.98
CA LEU C 90 2.24 12.77 -1.68
C LEU C 90 2.06 11.43 -0.96
N LEU C 91 1.68 10.39 -1.72
CA LEU C 91 1.52 9.08 -1.06
C LEU C 91 2.87 8.54 -0.52
N GLN C 92 3.95 8.73 -1.26
CA GLN C 92 5.26 8.27 -0.74
C GLN C 92 5.67 9.00 0.54
N ILE C 93 5.47 10.33 0.56
CA ILE C 93 5.68 11.12 1.77
C ILE C 93 4.93 10.52 2.99
N LYS C 94 3.64 10.23 2.79
CA LYS C 94 2.86 9.68 3.90
C LYS C 94 3.41 8.31 4.28
N SER C 95 3.77 7.51 3.27
CA SER C 95 4.22 6.10 3.50
C SER C 95 5.46 6.08 4.41
N LEU C 96 6.23 7.17 4.40
CA LEU C 96 7.40 7.27 5.21
C LEU C 96 7.20 7.82 6.60
N GLY C 97 5.95 8.09 7.00
CA GLY C 97 5.66 8.51 8.37
C GLY C 97 5.56 10.02 8.51
N PHE C 98 5.63 10.79 7.39
CA PHE C 98 5.46 12.26 7.52
C PHE C 98 3.98 12.59 7.44
N ASN C 99 3.56 13.70 8.05
CA ASN C 99 2.14 14.11 7.95
C ASN C 99 2.05 15.64 7.77
N ALA C 100 3.12 16.26 7.25
CA ALA C 100 3.05 17.72 7.03
C ALA C 100 4.02 18.13 5.92
N ILE C 101 3.62 19.16 5.17
CA ILE C 101 4.47 19.68 4.09
C ILE C 101 4.43 21.21 4.24
N ARG C 102 5.64 21.73 4.29
CA ARG C 102 5.82 23.15 4.13
C ARG C 102 6.03 23.42 2.65
N LEU C 103 5.21 24.34 2.16
CA LEU C 103 5.08 24.58 0.72
C LEU C 103 5.59 26.03 0.43
N PRO C 104 6.86 26.17 -0.02
CA PRO C 104 7.38 27.53 -0.40
C PRO C 104 6.66 28.08 -1.53
N PHE C 105 6.46 29.42 -1.55
CA PHE C 105 5.88 29.99 -2.74
C PHE C 105 6.51 31.38 -2.97
N CYS C 106 6.36 31.89 -4.21
CA CYS C 106 6.73 33.25 -4.52
C CYS C 106 5.47 34.00 -4.92
N THR C 107 5.57 35.33 -5.03
CA THR C 107 4.40 36.17 -5.31
C THR C 107 3.72 35.77 -6.59
N GLU C 108 4.53 35.62 -7.65
CA GLU C 108 3.99 35.30 -8.96
C GLU C 108 3.18 33.97 -8.97
N SER C 109 3.60 32.99 -8.17
CA SER C 109 2.89 31.70 -8.15
C SER C 109 1.51 31.72 -7.60
N VAL C 110 1.23 32.71 -6.77
CA VAL C 110 -0.07 32.80 -6.12
C VAL C 110 -0.99 33.84 -6.83
N LYS C 111 -0.55 34.43 -7.95
CA LYS C 111 -1.42 35.26 -8.86
C LYS C 111 -2.04 34.40 -9.92
N PRO C 112 -3.31 34.70 -10.27
CA PRO C 112 -3.95 33.92 -11.35
C PRO C 112 -3.17 34.13 -12.60
N GLY C 113 -3.16 33.11 -13.45
CA GLY C 113 -2.60 33.27 -14.77
C GLY C 113 -1.14 32.92 -14.94
N THR C 114 -0.48 32.40 -13.92
CA THR C 114 0.92 32.12 -14.05
C THR C 114 1.12 30.71 -14.56
N GLN C 115 1.94 30.60 -15.60
CA GLN C 115 2.21 29.31 -16.25
C GLN C 115 3.20 28.45 -15.44
N PRO C 116 2.79 27.23 -15.04
CA PRO C 116 3.73 26.35 -14.36
C PRO C 116 4.61 25.76 -15.48
N ILE C 117 5.86 25.53 -15.17
CA ILE C 117 6.87 24.99 -16.12
C ILE C 117 7.59 23.85 -15.48
N GLY C 118 7.62 22.67 -16.10
CA GLY C 118 8.41 21.55 -15.50
C GLY C 118 7.59 20.33 -15.20
N ILE C 119 6.63 20.09 -16.07
CA ILE C 119 5.74 18.99 -15.80
C ILE C 119 5.73 18.03 -16.97
N ASP C 120 5.98 16.75 -16.66
CA ASP C 120 5.73 15.70 -17.66
C ASP C 120 4.27 15.37 -17.64
N TYR C 121 3.52 15.75 -18.68
CA TYR C 121 2.08 15.72 -18.58
C TYR C 121 1.57 14.32 -18.92
N SER C 122 2.45 13.52 -19.49
CA SER C 122 2.16 12.12 -19.66
C SER C 122 2.01 11.43 -18.28
N LYS C 123 2.92 11.76 -17.35
CA LYS C 123 2.89 11.34 -15.93
C LYS C 123 1.87 12.08 -15.09
N ASN C 124 1.51 13.30 -15.53
CA ASN C 124 0.63 14.18 -14.77
C ASN C 124 -0.45 14.76 -15.67
N PRO C 125 -1.28 13.92 -16.35
CA PRO C 125 -2.24 14.52 -17.31
C PRO C 125 -3.29 15.44 -16.72
N ASP C 126 -3.62 15.27 -15.44
CA ASP C 126 -4.62 16.12 -14.81
C ASP C 126 -4.12 17.56 -14.50
N LEU C 127 -2.85 17.84 -14.76
CA LEU C 127 -2.29 19.17 -14.56
C LEU C 127 -2.19 20.03 -15.85
N ARG C 128 -2.56 19.46 -16.99
CA ARG C 128 -2.48 20.13 -18.33
C ARG C 128 -3.39 21.35 -18.36
N GLY C 129 -2.82 22.50 -18.74
CA GLY C 129 -3.60 23.73 -18.87
C GLY C 129 -3.96 24.43 -17.57
N LEU C 130 -3.61 23.88 -16.39
CA LEU C 130 -3.85 24.57 -15.13
C LEU C 130 -2.79 25.67 -14.93
N ASP C 131 -3.15 26.76 -14.26
CA ASP C 131 -2.15 27.70 -13.88
C ASP C 131 -1.56 27.29 -12.53
N SER C 132 -0.56 28.01 -12.03
CA SER C 132 0.13 27.61 -10.83
C SER C 132 -0.74 27.63 -9.57
N LEU C 133 -1.60 28.63 -9.46
CA LEU C 133 -2.53 28.64 -8.34
C LEU C 133 -3.46 27.44 -8.35
N GLN C 134 -3.89 27.01 -9.51
CA GLN C 134 -4.81 25.90 -9.59
C GLN C 134 -4.06 24.62 -9.19
N ILE C 135 -2.74 24.60 -9.44
CA ILE C 135 -2.00 23.35 -9.08
C ILE C 135 -1.77 23.41 -7.59
N MET C 136 -1.52 24.59 -7.06
CA MET C 136 -1.36 24.73 -5.63
C MET C 136 -2.62 24.28 -4.85
N GLU C 137 -3.77 24.75 -5.31
CA GLU C 137 -5.08 24.33 -4.74
C GLU C 137 -5.24 22.77 -4.82
N LYS C 138 -4.99 22.20 -5.97
CA LYS C 138 -5.11 20.75 -6.12
C LYS C 138 -4.28 19.95 -5.17
N ILE C 139 -2.98 20.30 -5.05
CA ILE C 139 -2.05 19.62 -4.17
C ILE C 139 -2.49 19.72 -2.73
N ILE C 140 -2.95 20.92 -2.34
CA ILE C 140 -3.29 21.15 -0.96
C ILE C 140 -4.56 20.36 -0.56
N LYS C 141 -5.51 20.27 -1.50
CA LYS C 141 -6.79 19.63 -1.21
C LYS C 141 -6.47 18.12 -1.12
N LYS C 142 -5.74 17.60 -2.13
CA LYS C 142 -5.28 16.22 -2.05
C LYS C 142 -4.48 15.91 -0.75
N ALA C 143 -3.54 16.78 -0.35
CA ALA C 143 -2.83 16.60 0.87
C ALA C 143 -3.81 16.43 2.04
N GLY C 144 -4.82 17.30 2.12
CA GLY C 144 -5.82 17.15 3.21
C GLY C 144 -6.45 15.77 3.25
N ASP C 145 -6.82 15.27 2.07
CA ASP C 145 -7.47 13.99 1.97
C ASP C 145 -6.57 12.90 2.53
N LEU C 146 -5.27 13.02 2.29
CA LEU C 146 -4.28 12.06 2.85
C LEU C 146 -3.83 12.32 4.25
N GLY C 147 -4.39 13.35 4.90
CA GLY C 147 -4.02 13.59 6.27
C GLY C 147 -2.69 14.31 6.36
N ILE C 148 -2.40 15.16 5.38
CA ILE C 148 -1.15 15.91 5.46
C ILE C 148 -1.44 17.42 5.70
N PHE C 149 -0.94 17.94 6.78
CA PHE C 149 -1.13 19.34 7.03
C PHE C 149 -0.22 20.11 6.05
N VAL C 150 -0.59 21.36 5.80
CA VAL C 150 0.20 22.24 4.93
C VAL C 150 0.49 23.54 5.62
N LEU C 151 1.77 23.88 5.60
CA LEU C 151 2.18 25.17 6.14
C LEU C 151 2.56 25.96 4.87
N LEU C 152 1.94 27.13 4.65
CA LEU C 152 2.30 28.02 3.52
C LEU C 152 3.42 28.96 3.90
N ASP C 153 4.41 29.05 3.02
CA ASP C 153 5.67 29.69 3.34
C ASP C 153 5.95 30.68 2.19
N TYR C 154 5.81 31.98 2.49
CA TYR C 154 6.06 33.02 1.51
C TYR C 154 7.57 33.04 1.41
N HIS C 155 8.15 32.30 0.48
CA HIS C 155 9.60 32.06 0.56
C HIS C 155 10.48 33.12 -0.17
N ARG C 156 9.97 33.68 -1.25
CA ARG C 156 10.68 34.67 -2.07
C ARG C 156 9.65 35.64 -2.58
N ILE C 157 9.99 36.94 -2.68
CA ILE C 157 9.11 37.89 -3.34
C ILE C 157 9.21 37.78 -4.85
N GLY C 158 10.43 37.83 -5.39
CA GLY C 158 10.65 37.46 -6.83
C GLY C 158 10.69 35.93 -6.88
N CYS C 159 11.09 35.35 -8.02
CA CYS C 159 11.18 33.88 -8.10
C CYS C 159 12.61 33.36 -8.22
N THR C 160 13.58 34.20 -7.91
CA THR C 160 14.99 33.76 -8.10
C THR C 160 15.80 33.62 -6.84
N HIS C 161 15.47 34.36 -5.79
CA HIS C 161 16.30 34.22 -4.62
C HIS C 161 15.54 34.73 -3.44
N ILE C 162 15.98 34.36 -2.25
CA ILE C 162 15.36 34.83 -0.99
C ILE C 162 15.90 36.20 -0.61
N GLU C 163 15.00 37.18 -0.57
CA GLU C 163 15.31 38.57 -0.18
C GLU C 163 15.51 38.60 1.32
N PRO C 164 16.42 39.48 1.79
CA PRO C 164 16.66 39.62 3.22
C PRO C 164 15.49 40.29 3.99
N LEU C 165 14.72 41.12 3.33
CA LEU C 165 13.57 41.74 3.98
C LEU C 165 12.28 41.30 3.35
N TRP C 166 11.16 41.77 3.93
CA TRP C 166 9.82 41.48 3.46
C TRP C 166 9.29 42.52 2.45
N TYR C 167 10.19 43.27 1.83
CA TYR C 167 9.83 44.22 0.81
C TYR C 167 11.12 44.46 0.00
N THR C 168 11.00 45.01 -1.20
CA THR C 168 12.16 45.39 -2.00
C THR C 168 11.90 46.82 -2.52
N GLU C 169 12.83 47.32 -3.31
CA GLU C 169 12.67 48.61 -3.97
C GLU C 169 11.38 48.69 -4.81
N ASP C 170 10.98 47.58 -5.45
CA ASP C 170 9.81 47.60 -6.35
C ASP C 170 8.49 46.96 -5.82
N PHE C 171 8.51 46.51 -4.56
CA PHE C 171 7.46 45.66 -3.99
C PHE C 171 7.39 45.99 -2.50
N SER C 172 6.36 46.73 -2.11
CA SER C 172 6.27 47.33 -0.77
C SER C 172 5.71 46.36 0.26
N GLU C 173 5.90 46.71 1.54
CA GLU C 173 5.22 46.03 2.59
C GLU C 173 3.73 45.91 2.38
N GLU C 174 3.08 46.98 1.95
CA GLU C 174 1.65 46.84 1.61
C GLU C 174 1.37 45.76 0.51
N ASP C 175 2.26 45.63 -0.48
CA ASP C 175 2.11 44.59 -1.50
C ASP C 175 2.31 43.18 -0.87
N PHE C 176 3.26 43.07 0.05
CA PHE C 176 3.56 41.81 0.73
C PHE C 176 2.32 41.40 1.54
N ILE C 177 1.76 42.35 2.28
CA ILE C 177 0.55 42.08 3.08
C ILE C 177 -0.67 41.82 2.22
N ASN C 178 -0.89 42.62 1.18
CA ASN C 178 -1.96 42.32 0.28
C ASN C 178 -1.86 40.92 -0.37
N THR C 179 -0.62 40.52 -0.68
CA THR C 179 -0.40 39.15 -1.19
C THR C 179 -0.80 38.12 -0.12
N TRP C 180 -0.33 38.28 1.12
CA TRP C 180 -0.71 37.35 2.21
C TRP C 180 -2.22 37.33 2.40
N ILE C 181 -2.82 38.51 2.42
CA ILE C 181 -4.29 38.55 2.51
C ILE C 181 -5.00 37.79 1.43
N GLU C 182 -4.58 37.91 0.20
CA GLU C 182 -5.23 37.21 -0.86
C GLU C 182 -5.03 35.70 -0.67
N VAL C 183 -3.82 35.35 -0.30
CA VAL C 183 -3.47 33.96 -0.02
C VAL C 183 -4.33 33.40 1.12
N ALA C 184 -4.44 34.14 2.23
CA ALA C 184 -5.26 33.66 3.37
C ALA C 184 -6.77 33.58 3.04
N LYS C 185 -7.26 34.55 2.26
CA LYS C 185 -8.68 34.52 1.88
C LYS C 185 -8.91 33.23 1.12
N ARG C 186 -7.99 32.93 0.18
CA ARG C 186 -8.14 31.77 -0.68
C ARG C 186 -7.87 30.46 0.08
N PHE C 187 -6.70 30.35 0.72
CA PHE C 187 -6.27 29.03 1.21
C PHE C 187 -6.77 28.79 2.61
N GLY C 188 -7.36 29.83 3.22
CA GLY C 188 -8.00 29.72 4.52
C GLY C 188 -9.17 28.76 4.55
N LYS C 189 -9.71 28.50 3.37
CA LYS C 189 -10.89 27.64 3.17
C LYS C 189 -10.46 26.17 3.14
N TYR C 190 -9.15 25.88 3.14
CA TYR C 190 -8.67 24.46 3.08
C TYR C 190 -8.32 24.06 4.51
N TRP C 191 -9.06 23.08 5.05
CA TRP C 191 -9.09 22.75 6.44
C TRP C 191 -7.72 22.38 6.95
N ASN C 192 -6.92 21.75 6.08
CA ASN C 192 -5.58 21.22 6.48
C ASN C 192 -4.44 22.24 6.42
N VAL C 193 -4.74 23.43 5.92
CA VAL C 193 -3.70 24.51 6.00
C VAL C 193 -3.65 25.04 7.40
N ILE C 194 -2.51 24.83 8.05
CA ILE C 194 -2.40 25.13 9.48
C ILE C 194 -2.04 26.57 9.69
N GLY C 195 -1.53 27.21 8.64
CA GLY C 195 -1.25 28.62 8.73
C GLY C 195 -0.13 29.09 7.82
N ALA C 196 0.51 30.17 8.25
CA ALA C 196 1.33 31.01 7.41
C ALA C 196 2.68 31.16 8.04
N ASP C 197 3.73 30.83 7.30
CA ASP C 197 5.11 31.01 7.71
C ASP C 197 5.38 32.35 6.97
N LEU C 198 5.39 33.44 7.72
CA LEU C 198 5.17 34.82 7.18
C LEU C 198 6.16 35.28 6.13
N LYS C 199 7.43 35.04 6.40
CA LYS C 199 8.50 35.26 5.40
C LYS C 199 9.63 34.34 5.66
N ASN C 200 10.07 33.62 4.60
CA ASN C 200 11.21 32.75 4.77
C ASN C 200 12.55 33.49 5.01
N GLU C 201 13.20 33.13 6.10
CA GLU C 201 14.60 33.44 6.36
C GLU C 201 14.89 34.92 6.19
N PRO C 202 14.22 35.77 6.98
CA PRO C 202 14.74 37.14 7.10
C PRO C 202 16.22 37.04 7.45
N HIS C 203 17.06 37.78 6.77
CA HIS C 203 18.48 37.63 7.03
C HIS C 203 19.23 38.90 6.64
N SER C 204 20.55 38.79 6.68
CA SER C 204 21.40 39.92 6.30
C SER C 204 22.25 39.62 5.07
N VAL C 205 22.59 40.69 4.35
CA VAL C 205 23.59 40.59 3.28
C VAL C 205 24.89 41.38 3.60
N THR C 206 25.03 41.87 4.82
CA THR C 206 26.22 42.57 5.23
C THR C 206 26.62 42.08 6.60
N SER C 207 27.86 42.38 7.02
CA SER C 207 28.37 41.94 8.32
C SER C 207 27.81 42.88 9.37
N PRO C 208 27.68 42.42 10.65
CA PRO C 208 27.44 43.40 11.71
C PRO C 208 28.75 44.13 11.97
N PRO C 209 28.67 45.33 12.58
CA PRO C 209 27.44 46.04 12.98
C PRO C 209 26.66 46.76 11.87
N ALA C 210 27.26 46.90 10.68
CA ALA C 210 26.60 47.61 9.59
C ALA C 210 25.21 47.01 9.34
N ALA C 211 25.12 45.68 9.49
CA ALA C 211 23.85 44.98 9.21
C ALA C 211 22.69 45.42 10.12
N TYR C 212 23.00 46.00 11.28
CA TYR C 212 21.93 46.44 12.18
C TYR C 212 21.27 47.75 11.76
N THR C 213 21.99 48.56 10.99
CA THR C 213 21.42 49.83 10.57
C THR C 213 21.51 50.18 9.07
N ASP C 214 22.12 49.35 8.23
CA ASP C 214 22.24 49.69 6.81
C ASP C 214 20.98 49.53 5.94
N GLY C 215 19.90 48.95 6.52
CA GLY C 215 18.58 48.87 5.85
C GLY C 215 18.57 47.83 4.76
N THR C 216 19.61 47.01 4.72
CA THR C 216 19.74 46.01 3.64
C THR C 216 19.30 44.67 4.18
N GLY C 217 19.13 44.57 5.51
CA GLY C 217 18.83 43.30 6.17
C GLY C 217 17.84 43.42 7.34
N ALA C 218 17.26 42.28 7.71
CA ALA C 218 16.26 42.26 8.75
C ALA C 218 17.01 42.33 10.09
N THR C 219 16.35 42.89 11.10
CA THR C 219 16.85 42.97 12.48
C THR C 219 15.70 42.63 13.43
N TRP C 220 15.98 42.63 14.71
CA TRP C 220 14.97 42.28 15.69
C TRP C 220 15.31 43.02 16.97
N GLY C 221 14.43 43.94 17.37
CA GLY C 221 14.61 44.74 18.62
C GLY C 221 15.45 46.02 18.43
N MET C 222 15.57 46.51 17.19
CA MET C 222 16.30 47.78 16.91
C MET C 222 15.41 49.03 17.17
N GLY C 223 14.11 48.83 17.27
CA GLY C 223 13.17 49.94 17.36
C GLY C 223 12.91 50.69 16.04
N ASN C 224 13.10 50.05 14.89
CA ASN C 224 12.82 50.70 13.60
C ASN C 224 12.08 49.72 12.72
N PRO C 225 10.82 50.00 12.43
CA PRO C 225 10.04 49.18 11.52
C PRO C 225 10.58 49.05 10.08
N ALA C 226 11.56 49.86 9.63
CA ALA C 226 12.04 49.61 8.26
C ALA C 226 12.79 48.28 8.19
N THR C 227 13.23 47.78 9.36
CA THR C 227 14.06 46.55 9.39
C THR C 227 13.67 45.48 10.42
N ASP C 228 12.92 45.88 11.46
CA ASP C 228 12.64 44.99 12.59
C ASP C 228 11.62 43.92 12.18
N TRP C 229 12.10 42.68 12.10
CA TRP C 229 11.23 41.57 11.70
C TRP C 229 10.18 41.29 12.78
N ASN C 230 10.56 41.47 14.04
CA ASN C 230 9.57 41.27 15.13
C ASN C 230 8.36 42.16 15.00
N LEU C 231 8.51 43.41 14.53
CA LEU C 231 7.36 44.29 14.38
C LEU C 231 6.61 44.00 13.10
N ALA C 232 7.38 43.68 12.05
CA ALA C 232 6.83 43.35 10.77
C ALA C 232 5.92 42.11 10.98
N ALA C 233 6.42 41.13 11.72
CA ALA C 233 5.68 39.88 12.06
C ALA C 233 4.36 40.19 12.77
N GLU C 234 4.38 41.13 13.73
CA GLU C 234 3.11 41.60 14.30
C GLU C 234 2.13 42.16 13.27
N ARG C 235 2.59 43.06 12.41
CA ARG C 235 1.70 43.72 11.42
C ARG C 235 1.14 42.78 10.36
N ILE C 236 2.04 41.91 9.87
CA ILE C 236 1.68 40.97 8.81
C ILE C 236 0.72 39.95 9.44
N GLY C 237 1.07 39.46 10.60
CA GLY C 237 0.27 38.44 11.29
C GLY C 237 -1.11 38.95 11.66
N LYS C 238 -1.19 40.20 12.14
CA LYS C 238 -2.53 40.78 12.46
C LYS C 238 -3.37 40.85 11.23
N ALA C 239 -2.76 41.26 10.10
CA ALA C 239 -3.55 41.33 8.87
C ALA C 239 -4.06 39.94 8.40
N ILE C 240 -3.21 38.93 8.51
CA ILE C 240 -3.66 37.58 8.15
C ILE C 240 -4.75 37.09 9.14
N LEU C 241 -4.55 37.32 10.43
CA LEU C 241 -5.48 36.80 11.42
C LEU C 241 -6.84 37.47 11.36
N LYS C 242 -6.91 38.62 10.74
CA LYS C 242 -8.16 39.31 10.53
C LYS C 242 -8.95 38.55 9.51
N VAL C 243 -8.29 37.82 8.62
CA VAL C 243 -9.04 37.17 7.57
C VAL C 243 -8.95 35.64 7.67
N ALA C 244 -8.01 35.16 8.46
CA ALA C 244 -7.91 33.72 8.67
C ALA C 244 -7.69 33.56 10.16
N PRO C 245 -8.73 33.88 10.98
CA PRO C 245 -8.45 33.87 12.42
C PRO C 245 -8.11 32.49 12.97
N HIS C 246 -8.38 31.44 12.18
CA HIS C 246 -8.16 30.07 12.63
C HIS C 246 -6.75 29.51 12.35
N TRP C 247 -5.96 30.32 11.69
CA TRP C 247 -4.56 29.93 11.35
C TRP C 247 -3.59 30.17 12.48
N LEU C 248 -2.48 29.44 12.42
CA LEU C 248 -1.31 29.72 13.19
C LEU C 248 -0.40 30.64 12.36
N ILE C 249 0.34 31.45 13.09
CA ILE C 249 1.32 32.33 12.50
C ILE C 249 2.71 31.80 12.93
N PHE C 250 3.45 31.32 11.93
CA PHE C 250 4.81 30.88 12.16
C PHE C 250 5.77 31.99 11.86
N VAL C 251 6.61 32.29 12.83
CA VAL C 251 7.52 33.43 12.80
C VAL C 251 8.94 32.95 12.93
N GLU C 252 9.71 33.16 11.86
CA GLU C 252 11.10 32.73 11.84
C GLU C 252 12.00 33.67 12.56
N GLY C 253 13.19 33.21 12.87
CA GLY C 253 14.20 34.08 13.45
C GLY C 253 14.73 34.98 12.37
N THR C 254 15.67 35.84 12.74
CA THR C 254 16.44 36.59 11.75
C THR C 254 17.84 35.94 11.74
N GLN C 255 18.78 36.57 11.04
CA GLN C 255 20.17 36.14 11.12
C GLN C 255 20.90 36.91 12.23
N PHE C 256 20.73 38.23 12.20
CA PHE C 256 21.09 39.12 13.29
C PHE C 256 19.85 39.78 13.88
N THR C 257 19.92 40.08 15.18
CA THR C 257 18.80 40.70 15.91
C THR C 257 19.10 42.18 16.26
N ASN C 258 19.78 42.37 17.38
CA ASN C 258 20.32 43.67 17.81
C ASN C 258 21.70 43.48 18.48
N PRO C 259 22.54 44.54 18.51
CA PRO C 259 23.92 44.43 19.05
C PRO C 259 24.01 43.85 20.48
N LYS C 260 23.13 44.30 21.37
CA LYS C 260 23.15 43.85 22.78
C LYS C 260 22.87 42.32 22.93
N THR C 261 21.81 41.88 22.26
CA THR C 261 21.49 40.45 22.19
C THR C 261 22.59 39.61 21.50
N ASP C 262 22.99 39.97 20.29
CA ASP C 262 23.95 39.12 19.56
C ASP C 262 25.35 39.00 20.23
N SER C 263 25.77 40.03 20.97
CA SER C 263 27.07 39.98 21.67
C SER C 263 26.99 39.34 23.05
N SER C 264 25.78 39.13 23.55
CA SER C 264 25.60 38.49 24.84
C SER C 264 25.86 36.96 24.78
N TYR C 265 26.13 36.44 23.59
CA TYR C 265 26.55 35.03 23.46
C TYR C 265 27.71 34.83 22.48
N LYS C 266 28.57 33.89 22.83
CA LYS C 266 29.80 33.56 22.11
C LYS C 266 29.56 33.29 20.62
N TRP C 267 28.47 32.60 20.31
CA TRP C 267 28.17 32.34 18.91
C TRP C 267 26.96 33.12 18.39
N GLY C 268 26.75 34.30 18.96
CA GLY C 268 25.62 35.16 18.62
C GLY C 268 25.63 35.67 17.19
N TYR C 269 26.81 35.71 16.57
CA TYR C 269 26.95 36.15 15.18
C TYR C 269 27.02 34.98 14.18
N ASN C 270 26.83 33.77 14.69
CA ASN C 270 26.94 32.58 13.82
C ASN C 270 25.64 31.79 13.69
N ALA C 271 24.52 32.52 13.67
CA ALA C 271 23.21 31.89 13.44
C ALA C 271 22.90 31.84 11.94
N TRP C 272 22.10 30.85 11.58
CA TRP C 272 21.60 30.73 10.23
C TRP C 272 20.64 31.83 9.86
N TRP C 273 20.44 32.10 8.56
CA TRP C 273 19.32 32.92 8.15
C TRP C 273 18.05 32.24 8.73
N GLY C 274 17.11 33.03 9.24
CA GLY C 274 15.95 32.46 9.91
C GLY C 274 16.16 31.72 11.23
N GLY C 275 17.37 31.71 11.74
CA GLY C 275 17.78 30.85 12.82
C GLY C 275 18.08 31.51 14.16
N ASN C 276 17.94 32.83 14.24
CA ASN C 276 18.34 33.53 15.48
C ASN C 276 17.10 34.09 16.18
N LEU C 277 16.70 33.38 17.24
CA LEU C 277 15.53 33.69 18.11
C LEU C 277 16.00 34.18 19.53
N MET C 278 17.26 34.62 19.61
CA MET C 278 17.85 35.04 20.86
C MET C 278 17.13 36.28 21.35
N ALA C 279 16.48 37.03 20.46
CA ALA C 279 15.85 38.29 20.86
C ALA C 279 14.40 38.12 21.34
N VAL C 280 13.88 36.88 21.28
CA VAL C 280 12.53 36.61 21.75
C VAL C 280 12.32 36.92 23.27
N LYS C 281 13.30 36.56 24.11
CA LYS C 281 13.12 36.77 25.56
C LYS C 281 12.85 38.25 25.89
N ASP C 282 13.61 39.16 25.29
CA ASP C 282 13.41 40.62 25.54
C ASP C 282 12.50 41.35 24.58
N TYR C 283 12.34 40.84 23.35
CA TYR C 283 11.42 41.45 22.39
C TYR C 283 10.45 40.40 21.82
N PRO C 284 9.52 39.89 22.66
CA PRO C 284 8.55 38.95 22.11
C PRO C 284 7.70 39.62 21.03
N VAL C 285 7.36 38.82 20.04
CA VAL C 285 6.42 39.25 19.01
C VAL C 285 5.05 39.42 19.67
N ASN C 286 4.45 40.59 19.52
CA ASN C 286 3.20 40.85 20.19
C ASN C 286 2.05 40.37 19.34
N LEU C 287 1.90 39.03 19.30
CA LEU C 287 0.75 38.29 18.71
C LEU C 287 0.12 37.37 19.76
N PRO C 288 -1.18 37.05 19.59
CA PRO C 288 -1.86 36.28 20.62
C PRO C 288 -1.06 35.01 20.90
N ARG C 289 -0.74 34.79 22.17
CA ARG C 289 0.01 33.60 22.60
C ARG C 289 -0.50 32.24 22.07
N ASN C 290 -1.79 32.13 21.78
CA ASN C 290 -2.36 30.88 21.23
C ASN C 290 -2.34 30.76 19.67
N LYS C 291 -1.64 31.69 19.01
CA LYS C 291 -1.64 31.73 17.55
C LYS C 291 -0.20 31.64 17.06
N LEU C 292 0.75 31.98 17.93
CA LEU C 292 2.13 32.22 17.50
C LEU C 292 3.00 31.01 17.73
N VAL C 293 3.71 30.61 16.65
CA VAL C 293 4.66 29.53 16.69
C VAL C 293 5.97 30.12 16.25
N TYR C 294 7.01 29.87 17.02
CA TYR C 294 8.34 30.28 16.62
C TYR C 294 8.97 29.19 15.75
N SER C 295 9.56 29.61 14.63
CA SER C 295 10.00 28.63 13.62
C SER C 295 11.43 28.88 13.15
N PRO C 296 12.42 28.40 13.91
CA PRO C 296 13.79 28.66 13.50
C PRO C 296 14.25 27.72 12.43
N HIS C 297 15.27 28.10 11.67
CA HIS C 297 15.98 27.14 10.81
C HIS C 297 17.36 26.76 11.38
N VAL C 298 17.84 25.56 11.06
CA VAL C 298 19.15 25.15 11.56
C VAL C 298 19.75 24.17 10.60
N PHE C 299 21.02 24.42 10.25
CA PHE C 299 21.69 23.63 9.27
C PHE C 299 23.07 23.10 9.74
N GLY C 300 23.67 22.28 8.89
CA GLY C 300 24.93 21.62 9.21
C GLY C 300 26.06 22.05 8.28
N PRO C 301 27.20 21.33 8.34
CA PRO C 301 28.39 21.76 7.55
C PRO C 301 28.22 21.71 6.02
N ASP C 302 27.21 21.02 5.53
CA ASP C 302 27.00 20.99 4.11
C ASP C 302 26.49 22.31 3.55
N VAL C 303 25.94 23.17 4.41
CA VAL C 303 25.31 24.39 3.94
C VAL C 303 26.26 25.58 4.09
N TYR C 304 26.94 25.60 5.22
CA TYR C 304 27.97 26.60 5.52
C TYR C 304 28.92 26.01 6.53
N ASN C 305 30.21 26.23 6.34
CA ASN C 305 31.20 25.75 7.31
C ASN C 305 31.30 26.66 8.53
N GLN C 306 30.37 26.52 9.48
CA GLN C 306 30.37 27.32 10.74
C GLN C 306 31.62 27.08 11.60
N PRO C 307 32.11 28.13 12.33
CA PRO C 307 33.29 27.98 13.19
C PRO C 307 33.12 26.84 14.16
N TYR C 308 31.94 26.75 14.80
CA TYR C 308 31.69 25.68 15.77
C TYR C 308 31.60 24.26 15.16
N PHE C 309 31.63 24.13 13.84
CA PHE C 309 31.83 22.80 13.28
C PHE C 309 33.26 22.23 13.49
N GLY C 310 34.05 22.86 14.36
CA GLY C 310 35.23 22.25 15.03
C GLY C 310 36.04 21.36 14.13
N PRO C 311 36.49 20.19 14.62
CA PRO C 311 36.46 19.62 15.96
C PRO C 311 37.31 20.36 16.99
N ALA C 312 38.40 20.98 16.56
CA ALA C 312 39.26 21.72 17.47
C ALA C 312 38.42 22.59 18.41
N LYS C 313 37.25 23.01 17.90
CA LYS C 313 36.32 23.84 18.66
C LYS C 313 35.15 23.05 19.31
N GLY C 314 35.34 21.75 19.54
CA GLY C 314 34.46 20.95 20.43
C GLY C 314 33.35 20.10 19.77
N PHE C 315 33.11 20.36 18.50
CA PHE C 315 32.25 19.53 17.63
C PHE C 315 32.49 18.04 17.83
N PRO C 316 31.40 17.26 18.07
CA PRO C 316 30.00 17.69 18.04
C PRO C 316 29.33 18.04 19.38
N ASP C 317 30.03 17.80 20.49
CA ASP C 317 29.44 17.94 21.84
C ASP C 317 29.02 19.35 22.27
N ASN C 318 29.50 20.36 21.56
CA ASN C 318 29.13 21.78 21.79
C ASN C 318 27.77 22.20 21.22
N LEU C 319 27.20 21.37 20.36
CA LEU C 319 26.03 21.79 19.60
C LEU C 319 24.79 21.95 20.51
N PRO C 320 24.56 21.01 21.50
CA PRO C 320 23.36 21.23 22.31
C PRO C 320 23.26 22.64 22.90
N ASP C 321 24.39 23.20 23.31
CA ASP C 321 24.38 24.50 23.96
C ASP C 321 24.14 25.65 22.95
N ILE C 322 24.68 25.47 21.75
CA ILE C 322 24.56 26.42 20.65
C ILE C 322 23.09 26.47 20.19
N TRP C 323 22.51 25.29 19.89
CA TRP C 323 21.10 25.23 19.50
C TRP C 323 20.23 25.76 20.64
N TYR C 324 20.57 25.41 21.88
CA TYR C 324 19.80 25.93 23.03
C TYR C 324 19.76 27.46 23.01
N HIS C 325 20.91 28.09 22.83
CA HIS C 325 21.01 29.57 22.92
C HIS C 325 20.37 30.28 21.76
N HIS C 326 20.60 29.78 20.53
CA HIS C 326 20.05 30.42 19.34
C HIS C 326 18.49 30.33 19.29
N PHE C 327 17.96 29.19 19.73
CA PHE C 327 16.51 28.96 19.69
C PHE C 327 15.89 28.03 20.74
N GLY C 328 16.61 27.02 21.16
CA GLY C 328 16.09 25.98 22.08
C GLY C 328 15.41 26.51 23.33
N TYR C 329 15.96 27.60 23.85
CA TYR C 329 15.50 28.21 25.12
C TYR C 329 14.09 28.77 24.95
N VAL C 330 13.68 29.06 23.70
CA VAL C 330 12.34 29.63 23.49
C VAL C 330 11.29 28.58 23.92
N LYS C 331 11.59 27.30 23.75
CA LYS C 331 10.66 26.27 24.22
C LYS C 331 10.98 25.80 25.66
N LEU C 332 12.26 25.55 25.93
CA LEU C 332 12.68 24.87 27.18
C LEU C 332 12.65 25.79 28.40
N GLU C 333 12.89 27.07 28.19
CA GLU C 333 12.82 28.05 29.25
C GLU C 333 11.52 28.82 29.19
N LEU C 334 11.20 29.42 28.04
CA LEU C 334 10.01 30.28 27.95
C LEU C 334 8.68 29.57 27.71
N GLY C 335 8.71 28.31 27.26
CA GLY C 335 7.47 27.55 27.07
C GLY C 335 6.64 27.83 25.81
N TYR C 336 7.24 28.51 24.83
CA TYR C 336 6.56 28.68 23.53
C TYR C 336 6.59 27.44 22.63
N SER C 337 5.62 27.32 21.73
CA SER C 337 5.71 26.41 20.62
C SER C 337 6.91 26.78 19.70
N VAL C 338 7.86 25.86 19.55
CA VAL C 338 9.02 26.02 18.62
C VAL C 338 8.97 24.87 17.57
N VAL C 339 8.84 25.20 16.30
CA VAL C 339 8.83 24.17 15.26
C VAL C 339 10.01 24.44 14.32
N ILE C 340 10.95 23.49 14.21
CA ILE C 340 12.05 23.63 13.22
C ILE C 340 11.54 23.59 11.75
N GLY C 341 11.62 24.73 11.07
CA GLY C 341 11.04 24.89 9.74
C GLY C 341 11.90 24.35 8.63
N GLU C 342 13.22 24.31 8.84
CA GLU C 342 14.10 23.72 7.81
C GLU C 342 15.33 23.23 8.55
N PHE C 343 15.84 22.06 8.14
CA PHE C 343 17.13 21.52 8.65
C PHE C 343 17.42 20.32 7.76
N GLY C 344 18.68 19.99 7.51
CA GLY C 344 18.98 18.91 6.55
C GLY C 344 20.45 18.96 6.13
N GLY C 345 20.84 18.03 5.28
CA GLY C 345 22.18 18.01 4.71
C GLY C 345 22.37 16.72 3.99
N LYS C 346 23.55 16.53 3.41
CA LYS C 346 23.78 15.40 2.56
C LYS C 346 24.08 14.10 3.29
N TYR C 347 24.36 14.16 4.59
CA TYR C 347 24.49 12.95 5.40
C TYR C 347 25.59 12.05 4.80
N GLY C 348 26.70 12.71 4.38
CA GLY C 348 27.87 11.98 3.84
C GLY C 348 27.76 11.57 2.39
N HIS C 349 26.65 11.89 1.72
CA HIS C 349 26.47 11.46 0.34
C HIS C 349 26.96 12.52 -0.59
N GLY C 350 28.29 12.54 -0.72
CA GLY C 350 28.94 13.45 -1.63
C GLY C 350 29.03 14.80 -0.97
N GLY C 351 28.98 14.83 0.33
CA GLY C 351 29.14 16.08 1.01
C GLY C 351 30.24 15.96 2.02
N ASP C 352 30.20 16.87 2.99
CA ASP C 352 31.11 16.90 4.13
C ASP C 352 30.85 15.71 5.08
N PRO C 353 31.87 14.88 5.39
CA PRO C 353 31.70 13.69 6.29
C PRO C 353 31.18 14.04 7.70
N ARG C 354 31.48 15.26 8.15
CA ARG C 354 30.94 15.77 9.39
C ARG C 354 29.40 15.93 9.43
N ASP C 355 28.74 15.95 8.29
CA ASP C 355 27.26 16.11 8.27
C ASP C 355 26.51 14.94 8.91
N VAL C 356 27.05 13.72 8.78
CA VAL C 356 26.50 12.52 9.48
C VAL C 356 26.52 12.71 10.99
N ILE C 357 27.69 12.97 11.53
CA ILE C 357 27.78 13.22 12.98
C ILE C 357 26.82 14.36 13.33
N TRP C 358 26.80 15.41 12.51
CA TRP C 358 25.89 16.56 12.74
C TRP C 358 24.39 16.17 12.83
N GLN C 359 23.88 15.48 11.84
CA GLN C 359 22.42 15.13 11.82
C GLN C 359 22.12 14.12 12.95
N ASN C 360 23.08 13.25 13.26
CA ASN C 360 22.87 12.26 14.33
C ASN C 360 22.75 12.98 15.70
N LYS C 361 23.65 13.93 15.94
CA LYS C 361 23.59 14.79 17.12
C LYS C 361 22.34 15.71 17.23
N LEU C 362 21.93 16.32 16.11
CA LEU C 362 20.73 17.18 16.11
C LEU C 362 19.50 16.33 16.46
N VAL C 363 19.37 15.18 15.80
CA VAL C 363 18.22 14.34 16.09
C VAL C 363 18.24 13.79 17.57
N ASP C 364 19.43 13.43 18.11
CA ASP C 364 19.57 13.00 19.55
C ASP C 364 18.99 14.08 20.47
N TRP C 365 19.32 15.33 20.16
CA TRP C 365 18.94 16.48 20.96
C TRP C 365 17.45 16.78 20.81
N MET C 366 16.90 16.61 19.58
CA MET C 366 15.46 16.84 19.39
C MET C 366 14.60 15.81 20.15
N ILE C 367 15.06 14.57 20.16
CA ILE C 367 14.44 13.51 20.97
C ILE C 367 14.54 13.86 22.46
N GLU C 368 15.76 14.09 22.94
CA GLU C 368 16.00 14.34 24.37
C GLU C 368 15.18 15.51 24.88
N ASN C 369 15.06 16.56 24.07
CA ASN C 369 14.32 17.75 24.48
C ASN C 369 12.89 17.89 23.94
N LYS C 370 12.38 16.86 23.27
CA LYS C 370 11.00 16.86 22.76
C LYS C 370 10.66 17.97 21.72
N PHE C 371 11.60 18.28 20.82
CA PHE C 371 11.26 19.07 19.63
C PHE C 371 10.74 18.05 18.59
N CYS C 372 9.43 17.80 18.62
N CYS C 372 9.45 17.74 18.63
CA CYS C 372 8.78 16.76 17.81
CA CYS C 372 8.89 16.73 17.74
C CYS C 372 7.96 17.32 16.65
C CYS C 372 8.27 17.30 16.47
N ASP C 373 8.07 18.62 16.42
CA ASP C 373 7.43 19.29 15.30
C ASP C 373 8.54 19.85 14.41
N PHE C 374 8.55 19.46 13.12
CA PHE C 374 9.69 19.85 12.28
C PHE C 374 9.37 19.77 10.80
N PHE C 375 10.18 20.46 9.97
CA PHE C 375 10.04 20.25 8.51
C PHE C 375 11.43 20.06 7.94
N TYR C 376 11.73 18.85 7.44
CA TYR C 376 13.05 18.56 6.91
C TYR C 376 13.28 19.26 5.58
N TRP C 377 14.48 19.77 5.35
CA TRP C 377 14.82 20.41 4.04
C TRP C 377 15.74 19.41 3.26
N SER C 378 15.28 18.75 2.22
CA SER C 378 13.99 18.92 1.61
C SER C 378 13.55 17.48 1.27
N TRP C 379 12.30 17.35 0.93
CA TRP C 379 11.84 16.21 0.17
C TRP C 379 12.63 16.11 -1.16
N ASN C 380 12.70 17.22 -1.89
CA ASN C 380 13.43 17.32 -3.18
C ASN C 380 14.92 16.89 -3.03
N PRO C 381 15.45 16.22 -4.02
CA PRO C 381 16.88 16.03 -4.07
C PRO C 381 17.59 17.19 -4.72
N ASP C 382 16.86 18.02 -5.48
CA ASP C 382 17.52 19.08 -6.34
C ASP C 382 17.80 20.32 -5.49
N SER C 383 18.27 20.05 -4.30
CA SER C 383 18.78 21.09 -3.42
C SER C 383 20.32 20.99 -3.43
N GLY C 384 20.99 21.97 -4.06
CA GLY C 384 22.44 21.81 -4.32
C GLY C 384 23.32 21.51 -3.12
N ASP C 385 23.06 22.14 -1.98
CA ASP C 385 23.93 21.98 -0.84
C ASP C 385 23.43 20.99 0.22
N THR C 386 22.17 20.56 0.12
CA THR C 386 21.68 19.65 1.18
C THR C 386 21.27 18.32 0.62
N GLY C 387 20.96 18.26 -0.66
CA GLY C 387 20.31 17.07 -1.16
C GLY C 387 18.96 16.98 -0.43
N GLY C 388 18.37 15.80 -0.45
CA GLY C 388 17.08 15.68 0.24
C GLY C 388 16.87 14.29 0.73
N ILE C 389 15.60 14.00 1.07
CA ILE C 389 15.25 12.63 1.44
C ILE C 389 15.32 11.73 0.22
N LEU C 390 14.81 12.20 -0.92
CA LEU C 390 14.94 11.48 -2.18
C LEU C 390 16.33 11.60 -2.75
N GLN C 391 16.74 10.57 -3.48
CA GLN C 391 17.99 10.62 -4.24
C GLN C 391 17.71 11.32 -5.56
N ASP C 392 18.73 11.57 -6.40
CA ASP C 392 18.52 12.30 -7.69
C ASP C 392 17.67 11.65 -8.72
N ASP C 393 17.40 10.34 -8.56
CA ASP C 393 16.44 9.66 -9.47
C ASP C 393 14.99 10.04 -9.15
N TRP C 394 14.79 10.82 -8.10
CA TRP C 394 13.44 11.32 -7.63
C TRP C 394 12.55 10.19 -7.09
N THR C 395 13.13 9.03 -6.85
CA THR C 395 12.34 7.82 -6.67
C THR C 395 12.83 7.08 -5.41
N THR C 396 14.13 6.85 -5.32
CA THR C 396 14.63 6.11 -4.17
C THR C 396 15.08 7.08 -3.09
N ILE C 397 15.08 6.64 -1.86
CA ILE C 397 15.49 7.50 -0.74
C ILE C 397 16.92 7.19 -0.22
N TRP C 398 17.52 8.13 0.49
CA TRP C 398 18.75 7.91 1.22
C TRP C 398 18.37 7.21 2.51
N GLU C 399 18.54 5.88 2.56
CA GLU C 399 18.01 5.09 3.71
C GLU C 399 18.68 5.48 5.01
N ASP C 400 20.00 5.60 5.00
CA ASP C 400 20.68 5.99 6.22
C ASP C 400 20.23 7.38 6.73
N LYS C 401 20.14 8.38 5.86
CA LYS C 401 19.66 9.74 6.25
C LYS C 401 18.23 9.67 6.84
N TYR C 402 17.38 8.98 6.12
CA TYR C 402 15.96 8.82 6.52
C TYR C 402 15.90 8.02 7.85
N ASN C 403 16.63 6.92 7.99
CA ASN C 403 16.53 6.12 9.25
C ASN C 403 16.96 6.98 10.44
N ASN C 404 17.94 7.88 10.22
CA ASN C 404 18.30 8.75 11.30
C ASN C 404 17.13 9.66 11.71
N LEU C 405 16.50 10.33 10.74
CA LEU C 405 15.34 11.22 11.06
C LEU C 405 14.20 10.47 11.70
N LYS C 406 13.97 9.22 11.24
CA LYS C 406 12.91 8.42 11.78
C LYS C 406 13.05 8.14 13.27
N ARG C 407 14.29 8.18 13.78
CA ARG C 407 14.53 7.96 15.24
C ARG C 407 13.78 8.96 16.01
N LEU C 408 13.66 10.17 15.44
CA LEU C 408 12.89 11.22 16.10
C LEU C 408 11.38 10.97 16.02
N MET C 409 10.92 10.43 14.90
CA MET C 409 9.51 10.20 14.67
C MET C 409 9.07 9.03 15.54
N ASP C 410 9.99 8.12 15.80
CA ASP C 410 9.67 7.03 16.71
C ASP C 410 9.89 7.48 18.15
#